data_9IVM
#
_entry.id   9IVM
#
_cell.length_a   1.00
_cell.length_b   1.00
_cell.length_c   1.00
_cell.angle_alpha   90.00
_cell.angle_beta   90.00
_cell.angle_gamma   90.00
#
_symmetry.space_group_name_H-M   'P 1'
#
loop_
_entity.id
_entity.type
_entity.pdbx_description
1 polymer 'Guanine nucleotide-binding protein G(i) subunit alpha-1,Guanine nucleotide-binding protein G(s) subunit alpha isoforms short'
2 polymer 'Guanine nucleotide-binding protein G(I)/G(S)/G(T) subunit beta-1'
3 polymer 'Guanine nucleotide-binding protein G(I)/G(S)/G(O) subunit gamma-2'
4 polymer Nanobody-35
5 polymer GLP-1(9-36)
6 polymer 'Glucagon-like peptide 1 receptor'
7 non-polymer '(2~{R})-2-[2-[1-[(1~{R})-1-[2,6-bis(chloranyl)-3-cyclopropyl-phenyl]ethyl]imidazo[4,5-c]pyridin-6-yl]phenyl]propanoic acid'
#
loop_
_entity_poly.entity_id
_entity_poly.type
_entity_poly.pdbx_seq_one_letter_code
_entity_poly.pdbx_strand_id
1 'polypeptide(L)'
;MGCTLSAEDKAAVERSKMIEKQLQKDKQVYRATHRLLLLGADNSGKSTIVKQMRIYHVNGYSEEECKQYKAVVYSNTIQS
IIAIIRAMGRLKIDFGDSARADDARQLFVLAGAAEEGFMTAELAGVIKRLWKDSGVQACFNRSREYQLNDSAAYYLNDLD
RIAQPNYIPTQQDVLRTRVKTSGIFETKFQVDKVNFHMFDVGAQRDERRKWIQCFNDVTAIIFVVDSSDYNRLQEALNDF
KSIWNNRWLRTISVILFLNKQDLLAEKVLAGKSKIEDYFPEFARYTTPEDATPEPGEDPRVTRAKYFIRDEFLRISTASG
DGRHYCYPHFTCSVDTENARRIFNDCRDIIQRMHLRQYELL
;
A
2 'polypeptide(L)'
;MGSLLQSELDQLRQEAEQLKNQIRDARKACADATLSQITNNIDPVGRIQMRTRRTLRGHLAKIYAMHWGTDSRLLVSASQ
DGKLIIWDSYTTNKVHAIPLRSSWVMTCAYAPSGNYVACGGLDNICSIYNLKTREGNVRVSRELAGHTGYLSCCRFLDDN
QIVTSSGDTTCALWDIETGQQTTTFTGHTGDVMSLSLAPDTRLFVSGACDASAKLWDVREGMCRQTFTGHESDINAICFF
PNGNAFATGSDDATCRLFDLRADQELMTYSHDNIICGITSVSFSKSGRLLLAGYDDFNCNVWDALKADRAGVLAGHDNRV
SCLGVTDDGMAVATGSWDSFLKIWN
;
B
3 'polypeptide(L)' ASNNTASIAQARKLVEQLKMEANIDRIKVSKAAADLMAYCEAHAKEDPLLTPVPASENPFREKKFFCAIL G
4 'polypeptide(L)'
;MAQVQLQESGGGLVQPGGSLRLSCAASGFTFSNYKMNWVRQAPGKGLEWVSDISQSGASISYTGSVKGRFTISRDNAKNT
LYLQMNSLKPEDTAVYYCARCPAPFTRDCFDVTSTTYAYRGQGTQVTVSSHHHHHHEPEA
;
N
5 'polypeptide(L)' EGTFTSDVSSYLEGQAAKEFIAWLVKGR P
6 'polypeptide(L)'
;RPQGATVSLWETVQKWREYRRQCQRSLTEDPPPATDLFCNRTFDEYACWPDGEPGSFVNVSCPWYLPWASSVPQGHVYRF
CTAEGLWLQKDNSSLPWRDLSECEESKRGERSSPEEQLLFLYIIYTVGYALSFSALVIASAILLGFRHLHCTRNYIHLNL
FASFILRALSVFIKDAALKWMYSTAAQQHQWDGLLSYQDSLSCRLVFLLMQYCVAANYYWLLVEGVYLYTLLAFSVLSEQ
WIFRLYVSIGWGVPLLFVVPWGIVKYLYEDEGCWTRNSNMNYWLIIRLPILFAIGVNFLIFVRVICIVVSKLKANLMCKT
DIKCRLAKSTLTLIPLLGTHEVIFAFVMDEHARGTLRFIKLFTELSFTSFQGLMVAILYCFVNNEVQLEFRKSWERWRLE
HLHIQRDSSMKPLKCPTSSLSSGATAGSSMYTATCQASCS
;
R
#
# COMPACT_ATOMS: atom_id res chain seq x y z
N THR A 4 35.02 -10.17 -17.35
CA THR A 4 35.97 -10.06 -18.45
C THR A 4 35.77 -8.73 -19.20
N LEU A 5 34.52 -8.25 -19.23
CA LEU A 5 34.23 -7.00 -19.91
C LEU A 5 34.94 -5.83 -19.23
N SER A 6 34.74 -5.70 -17.93
CA SER A 6 35.31 -4.62 -17.11
C SER A 6 35.05 -3.28 -17.79
N ALA A 7 35.94 -2.31 -17.57
CA ALA A 7 35.90 -1.00 -18.22
C ALA A 7 34.51 -0.37 -18.18
N GLU A 8 33.79 -0.47 -19.29
CA GLU A 8 32.47 0.15 -19.40
C GLU A 8 31.51 -0.43 -18.36
N ASP A 9 31.44 -1.76 -18.28
CA ASP A 9 30.52 -2.40 -17.35
C ASP A 9 30.90 -2.09 -15.91
N LYS A 10 32.19 -2.14 -15.59
CA LYS A 10 32.62 -1.86 -14.22
C LYS A 10 32.29 -0.42 -13.82
N ALA A 11 32.58 0.54 -14.71
CA ALA A 11 32.27 1.93 -14.41
C ALA A 11 30.78 2.16 -14.28
N ALA A 12 29.98 1.52 -15.14
CA ALA A 12 28.53 1.67 -15.06
C ALA A 12 28.00 1.10 -13.76
N VAL A 13 28.52 -0.06 -13.33
CA VAL A 13 28.07 -0.65 -12.07
C VAL A 13 28.47 0.22 -10.89
N GLU A 14 29.67 0.81 -10.93
CA GLU A 14 30.09 1.71 -9.86
C GLU A 14 29.17 2.93 -9.79
N ARG A 15 28.86 3.54 -10.94
CA ARG A 15 27.98 4.69 -10.95
C ARG A 15 26.58 4.34 -10.46
N SER A 16 26.08 3.18 -10.88
CA SER A 16 24.76 2.73 -10.42
C SER A 16 24.74 2.52 -8.91
N LYS A 17 25.82 1.95 -8.37
CA LYS A 17 25.89 1.74 -6.93
C LYS A 17 25.93 3.07 -6.17
N MET A 18 26.71 4.03 -6.67
CA MET A 18 26.73 5.35 -6.02
C MET A 18 25.37 6.02 -6.07
N ILE A 19 24.69 5.95 -7.22
CA ILE A 19 23.37 6.55 -7.36
C ILE A 19 22.38 5.85 -6.44
N GLU A 20 22.50 4.53 -6.30
CA GLU A 20 21.63 3.80 -5.39
C GLU A 20 21.88 4.19 -3.94
N LYS A 21 23.15 4.44 -3.58
CA LYS A 21 23.44 4.94 -2.24
C LYS A 21 22.77 6.29 -2.01
N GLN A 22 22.86 7.18 -3.00
CA GLN A 22 22.21 8.49 -2.86
C GLN A 22 20.70 8.35 -2.72
N LEU A 23 20.09 7.46 -3.52
CA LEU A 23 18.65 7.26 -3.44
C LEU A 23 18.25 6.68 -2.08
N GLN A 24 19.04 5.74 -1.55
CA GLN A 24 18.74 5.17 -0.24
C GLN A 24 18.86 6.22 0.85
N LYS A 25 19.86 7.11 0.74
CA LYS A 25 19.97 8.20 1.71
C LYS A 25 18.81 9.17 1.60
N ASP A 26 18.33 9.44 0.38
CA ASP A 26 17.22 10.36 0.21
C ASP A 26 15.88 9.74 0.60
N LYS A 27 15.78 8.41 0.64
CA LYS A 27 14.54 7.76 1.04
C LYS A 27 14.14 8.14 2.46
N GLN A 28 15.11 8.14 3.38
CA GLN A 28 14.81 8.49 4.76
C GLN A 28 14.31 9.92 4.88
N VAL A 29 14.95 10.86 4.16
CA VAL A 29 14.54 12.25 4.21
C VAL A 29 13.14 12.41 3.62
N TYR A 30 12.87 11.73 2.51
CA TYR A 30 11.55 11.84 1.87
C TYR A 30 10.46 11.27 2.76
N ARG A 31 10.71 10.13 3.40
CA ARG A 31 9.68 9.45 4.18
C ARG A 31 9.61 9.94 5.62
N ALA A 32 10.53 10.81 6.04
CA ALA A 32 10.50 11.39 7.38
C ALA A 32 9.75 12.71 7.44
N THR A 33 9.30 13.23 6.30
CA THR A 33 8.58 14.49 6.22
C THR A 33 7.15 14.25 5.76
N HIS A 34 6.22 15.04 6.28
CA HIS A 34 4.82 14.93 5.94
C HIS A 34 4.43 16.09 5.03
N ARG A 35 3.73 15.77 3.94
CA ARG A 35 3.28 16.75 2.97
C ARG A 35 1.82 17.09 3.22
N LEU A 36 1.52 18.39 3.30
CA LEU A 36 0.17 18.87 3.54
C LEU A 36 -0.22 19.82 2.42
N LEU A 37 -1.42 19.64 1.88
CA LEU A 37 -1.98 20.55 0.89
C LEU A 37 -2.93 21.50 1.59
N LEU A 38 -2.70 22.80 1.39
CA LEU A 38 -3.52 23.83 2.01
C LEU A 38 -4.50 24.36 0.99
N LEU A 39 -5.80 24.16 1.24
CA LEU A 39 -6.84 24.57 0.31
C LEU A 39 -7.73 25.61 0.98
N GLY A 40 -8.26 26.52 0.16
CA GLY A 40 -9.13 27.57 0.65
C GLY A 40 -9.57 28.52 -0.42
N ALA A 41 -9.81 29.78 -0.05
CA ALA A 41 -10.24 30.81 -0.97
C ALA A 41 -9.51 32.11 -0.63
N ASP A 42 -9.82 33.16 -1.39
CA ASP A 42 -9.17 34.45 -1.15
C ASP A 42 -9.55 35.03 0.21
N ASN A 43 -10.83 34.94 0.58
CA ASN A 43 -11.31 35.53 1.83
C ASN A 43 -11.38 34.45 2.93
N SER A 44 -10.24 33.79 3.14
CA SER A 44 -10.16 32.77 4.16
C SER A 44 -8.99 32.93 5.12
N GLY A 45 -8.18 33.99 5.00
CA GLY A 45 -7.03 34.13 5.86
C GLY A 45 -5.95 33.09 5.62
N LYS A 46 -5.96 32.44 4.46
CA LYS A 46 -4.99 31.40 4.17
C LYS A 46 -3.56 31.93 4.22
N SER A 47 -3.33 33.13 3.68
CA SER A 47 -2.01 33.74 3.75
C SER A 47 -1.61 33.98 5.20
N THR A 48 -2.55 34.44 6.03
CA THR A 48 -2.25 34.65 7.45
C THR A 48 -1.92 33.34 8.15
N ILE A 49 -2.65 32.26 7.83
CA ILE A 49 -2.36 30.95 8.40
C ILE A 49 -0.95 30.49 8.03
N VAL A 50 -0.58 30.68 6.75
CA VAL A 50 0.77 30.32 6.31
C VAL A 50 1.81 31.14 7.07
N LYS A 51 1.55 32.44 7.22
CA LYS A 51 2.49 33.30 7.92
C LYS A 51 2.66 32.87 9.38
N GLN A 52 1.55 32.48 10.03
CA GLN A 52 1.60 32.15 11.44
C GLN A 52 2.09 30.74 11.73
N MET A 53 2.15 29.85 10.74
CA MET A 53 2.98 28.66 10.94
C MET A 53 4.40 28.83 10.46
N ARG A 54 4.68 29.80 9.59
CA ARG A 54 6.04 29.98 9.10
C ARG A 54 6.99 30.51 10.18
N ILE A 55 6.46 31.09 11.25
CA ILE A 55 7.30 31.60 12.34
C ILE A 55 7.96 30.48 13.14
N TYR A 56 7.60 29.22 12.88
CA TYR A 56 8.19 28.07 13.56
C TYR A 56 9.27 27.40 12.72
N HIS A 57 10.00 28.18 11.92
CA HIS A 57 11.06 27.63 11.08
C HIS A 57 12.17 28.66 10.88
N GLN A 171 24.50 33.09 -1.79
CA GLN A 171 24.73 32.61 -0.42
C GLN A 171 23.66 33.16 0.53
N GLN A 172 22.90 34.14 0.06
CA GLN A 172 21.87 34.75 0.87
C GLN A 172 20.73 33.75 1.10
N ASP A 173 20.34 33.59 2.37
CA ASP A 173 19.25 32.67 2.68
C ASP A 173 17.90 33.26 2.32
N VAL A 174 17.82 34.59 2.19
CA VAL A 174 16.56 35.23 1.81
C VAL A 174 16.30 34.98 0.33
N LEU A 175 15.10 34.50 0.02
CA LEU A 175 14.70 34.16 -1.35
C LEU A 175 13.42 34.89 -1.72
N ARG A 176 13.37 36.19 -1.41
CA ARG A 176 12.19 36.99 -1.72
C ARG A 176 12.03 37.22 -3.22
N THR A 177 13.07 36.97 -4.01
CA THR A 177 12.97 37.16 -5.45
C THR A 177 11.95 36.22 -6.06
N ARG A 178 12.19 34.91 -5.95
CA ARG A 178 11.31 33.88 -6.50
C ARG A 178 11.02 34.11 -7.97
N VAL A 179 9.79 33.81 -8.40
CA VAL A 179 9.36 34.01 -9.78
C VAL A 179 8.07 34.82 -9.76
N LYS A 180 7.92 35.72 -10.73
CA LYS A 180 6.71 36.54 -10.79
C LYS A 180 5.47 35.68 -11.01
N THR A 181 5.56 34.67 -11.87
CA THR A 181 4.45 33.76 -12.09
C THR A 181 4.33 32.69 -11.00
N SER A 182 5.30 32.63 -10.08
CA SER A 182 5.24 31.75 -8.91
C SER A 182 5.01 30.29 -9.31
N GLY A 183 3.77 29.85 -9.23
CA GLY A 183 3.43 28.46 -9.48
C GLY A 183 2.92 27.79 -8.21
N ILE A 184 3.70 26.85 -7.68
CA ILE A 184 3.40 26.23 -6.40
C ILE A 184 4.31 26.84 -5.33
N PHE A 185 3.77 27.01 -4.13
CA PHE A 185 4.53 27.56 -3.03
C PHE A 185 4.94 26.44 -2.08
N GLU A 186 5.65 26.80 -1.02
CA GLU A 186 6.11 25.84 -0.04
C GLU A 186 6.38 26.56 1.27
N THR A 187 6.10 25.88 2.38
CA THR A 187 6.33 26.42 3.71
C THR A 187 6.61 25.24 4.63
N LYS A 188 7.86 25.10 5.04
CA LYS A 188 8.29 24.00 5.89
C LYS A 188 8.34 24.47 7.34
N PHE A 189 7.65 23.75 8.22
CA PHE A 189 7.68 24.05 9.64
C PHE A 189 7.95 22.76 10.42
N GLN A 190 8.59 22.92 11.57
CA GLN A 190 9.01 21.81 12.41
C GLN A 190 8.22 21.81 13.71
N VAL A 191 7.62 20.67 14.04
CA VAL A 191 6.97 20.46 15.33
C VAL A 191 7.49 19.14 15.88
N ASP A 192 8.12 19.19 17.05
CA ASP A 192 8.64 17.99 17.72
C ASP A 192 9.51 17.16 16.79
N LYS A 193 10.25 17.85 15.91
CA LYS A 193 11.16 17.22 14.95
C LYS A 193 10.42 16.24 14.03
N VAL A 194 9.40 16.75 13.35
CA VAL A 194 8.68 15.98 12.35
C VAL A 194 8.72 16.61 10.97
N ASN A 195 8.98 17.91 10.84
CA ASN A 195 9.33 18.55 9.57
C ASN A 195 8.22 18.38 8.53
N PHE A 196 7.09 19.02 8.81
CA PHE A 196 5.98 19.03 7.87
C PHE A 196 6.31 19.87 6.64
N HIS A 197 5.68 19.51 5.52
CA HIS A 197 5.76 20.27 4.27
C HIS A 197 4.36 20.71 3.89
N MET A 198 4.18 22.01 3.65
CA MET A 198 2.86 22.58 3.41
C MET A 198 2.88 23.30 2.08
N PHE A 199 2.02 22.86 1.15
CA PHE A 199 2.06 23.29 -0.24
C PHE A 199 0.85 24.16 -0.56
N ASP A 200 1.02 25.48 -0.48
CA ASP A 200 -0.02 26.41 -0.87
C ASP A 200 0.07 26.67 -2.37
N VAL A 201 -1.07 26.55 -3.05
CA VAL A 201 -1.12 26.67 -4.51
C VAL A 201 -1.21 28.14 -4.88
N GLY A 202 -0.31 28.58 -5.76
CA GLY A 202 -0.21 29.99 -6.11
C GLY A 202 -0.97 30.40 -7.35
N ALA A 203 -0.26 30.90 -8.35
CA ALA A 203 -0.86 31.48 -9.54
C ALA A 203 -1.24 30.37 -10.51
N GLN A 204 -2.46 29.85 -10.37
CA GLN A 204 -3.00 28.85 -11.27
C GLN A 204 -4.42 29.25 -11.65
N ARG A 205 -4.91 28.65 -12.73
CA ARG A 205 -6.23 29.01 -13.24
C ARG A 205 -7.32 28.49 -12.30
N ASP A 206 -8.57 28.79 -12.66
CA ASP A 206 -9.70 28.48 -11.78
C ASP A 206 -9.89 26.98 -11.60
N GLU A 207 -9.87 26.23 -12.70
CA GLU A 207 -10.20 24.81 -12.64
C GLU A 207 -9.09 24.03 -11.94
N ARG A 208 -9.48 23.17 -10.99
CA ARG A 208 -8.55 22.35 -10.23
C ARG A 208 -8.81 20.86 -10.44
N ARG A 209 -9.50 20.49 -11.52
CA ARG A 209 -9.90 19.11 -11.69
C ARG A 209 -8.76 18.20 -12.11
N LYS A 210 -7.68 18.75 -12.67
CA LYS A 210 -6.63 17.91 -13.24
C LYS A 210 -5.24 18.14 -12.67
N TRP A 211 -5.04 19.14 -11.81
CA TRP A 211 -3.82 19.21 -11.03
C TRP A 211 -4.01 18.81 -9.58
N ILE A 212 -5.26 18.54 -9.15
CA ILE A 212 -5.50 18.03 -7.81
C ILE A 212 -5.18 16.55 -7.75
N GLN A 213 -5.00 15.90 -8.90
CA GLN A 213 -4.61 14.50 -8.90
C GLN A 213 -3.18 14.31 -8.41
N CYS A 214 -2.36 15.36 -8.54
CA CYS A 214 -0.99 15.29 -8.03
C CYS A 214 -0.96 15.13 -6.53
N PHE A 215 -1.96 15.66 -5.82
CA PHE A 215 -2.01 15.60 -4.36
C PHE A 215 -2.85 14.40 -3.91
N ASN A 216 -2.33 13.21 -4.21
CA ASN A 216 -2.94 11.98 -3.74
C ASN A 216 -2.09 11.20 -2.75
N ASP A 217 -0.79 11.51 -2.65
CA ASP A 217 0.07 11.01 -1.59
C ASP A 217 0.34 12.19 -0.66
N VAL A 218 -0.59 12.44 0.25
CA VAL A 218 -0.56 13.60 1.13
C VAL A 218 -1.12 13.17 2.47
N THR A 219 -0.45 13.57 3.55
CA THR A 219 -0.89 13.19 4.88
C THR A 219 -2.29 13.73 5.19
N ALA A 220 -2.55 14.99 4.82
CA ALA A 220 -3.84 15.59 5.08
C ALA A 220 -3.99 16.84 4.22
N ILE A 221 -5.21 17.10 3.76
CA ILE A 221 -5.54 18.28 3.00
C ILE A 221 -6.15 19.29 3.97
N ILE A 222 -5.41 20.33 4.31
CA ILE A 222 -5.94 21.37 5.18
C ILE A 222 -6.91 22.23 4.39
N PHE A 223 -8.13 22.37 4.90
CA PHE A 223 -9.17 23.17 4.26
C PHE A 223 -9.54 24.30 5.20
N VAL A 224 -9.54 25.52 4.68
CA VAL A 224 -9.79 26.73 5.46
C VAL A 224 -11.09 27.36 4.97
N VAL A 225 -11.99 27.65 5.89
CA VAL A 225 -13.33 28.13 5.59
C VAL A 225 -13.58 29.43 6.33
N ASP A 226 -14.19 30.40 5.63
CA ASP A 226 -14.64 31.64 6.25
C ASP A 226 -16.05 31.41 6.77
N SER A 227 -16.17 31.18 8.09
CA SER A 227 -17.49 30.98 8.68
C SER A 227 -18.28 32.28 8.74
N SER A 228 -17.59 33.42 8.85
CA SER A 228 -18.28 34.69 9.01
C SER A 228 -19.09 35.05 7.76
N ASP A 229 -18.54 34.82 6.58
CA ASP A 229 -19.19 35.22 5.33
C ASP A 229 -20.26 34.19 4.99
N TYR A 230 -21.52 34.52 5.31
CA TYR A 230 -22.61 33.59 5.03
C TYR A 230 -22.94 33.54 3.53
N ASN A 231 -22.67 34.62 2.80
CA ASN A 231 -23.03 34.67 1.38
C ASN A 231 -22.24 33.63 0.60
N ARG A 232 -20.93 33.57 0.81
CA ARG A 232 -20.07 32.65 0.07
C ARG A 232 -19.81 31.34 0.81
N LEU A 233 -20.40 31.15 1.99
CA LEU A 233 -20.18 29.92 2.73
C LEU A 233 -20.76 28.71 2.01
N GLN A 234 -21.82 28.91 1.21
CA GLN A 234 -22.35 27.83 0.40
C GLN A 234 -21.34 27.39 -0.67
N GLU A 235 -20.59 28.35 -1.22
CA GLU A 235 -19.54 28.00 -2.16
C GLU A 235 -18.46 27.14 -1.50
N ALA A 236 -18.08 27.49 -0.28
CA ALA A 236 -17.12 26.67 0.46
C ALA A 236 -17.68 25.30 0.76
N LEU A 237 -18.97 25.22 1.09
CA LEU A 237 -19.60 23.93 1.34
C LEU A 237 -19.55 23.05 0.09
N ASN A 238 -19.88 23.64 -1.07
CA ASN A 238 -19.85 22.88 -2.32
C ASN A 238 -18.42 22.45 -2.67
N ASP A 239 -17.44 23.32 -2.44
CA ASP A 239 -16.05 22.96 -2.71
C ASP A 239 -15.59 21.82 -1.80
N PHE A 240 -15.98 21.87 -0.53
CA PHE A 240 -15.64 20.79 0.39
C PHE A 240 -16.31 19.49 -0.02
N LYS A 241 -17.56 19.56 -0.48
CA LYS A 241 -18.25 18.36 -0.96
C LYS A 241 -17.55 17.78 -2.19
N SER A 242 -17.12 18.65 -3.10
CA SER A 242 -16.41 18.18 -4.29
C SER A 242 -15.08 17.53 -3.91
N ILE A 243 -14.37 18.11 -2.94
CA ILE A 243 -13.11 17.54 -2.48
C ILE A 243 -13.35 16.19 -1.82
N TRP A 244 -14.45 16.07 -1.06
CA TRP A 244 -14.74 14.82 -0.35
C TRP A 244 -14.96 13.66 -1.31
N ASN A 245 -15.68 13.90 -2.41
CA ASN A 245 -16.09 12.85 -3.34
C ASN A 245 -15.24 12.83 -4.60
N ASN A 246 -13.95 13.09 -4.49
CA ASN A 246 -13.03 12.97 -5.62
C ASN A 246 -12.36 11.62 -5.56
N ARG A 247 -12.23 10.97 -6.72
CA ARG A 247 -11.76 9.59 -6.75
C ARG A 247 -10.33 9.47 -6.24
N TRP A 248 -9.49 10.45 -6.56
CA TRP A 248 -8.09 10.42 -6.14
C TRP A 248 -7.88 11.01 -4.76
N LEU A 249 -8.94 11.48 -4.11
CA LEU A 249 -8.89 11.98 -2.74
C LEU A 249 -9.89 11.23 -1.87
N ARG A 250 -10.06 9.95 -2.12
CA ARG A 250 -10.95 9.11 -1.33
C ARG A 250 -10.26 8.48 -0.12
N THR A 251 -8.95 8.70 0.03
CA THR A 251 -8.23 8.22 1.20
C THR A 251 -7.47 9.33 1.90
N ILE A 252 -7.66 10.58 1.51
CA ILE A 252 -6.94 11.72 2.08
C ILE A 252 -7.84 12.40 3.09
N SER A 253 -7.42 12.38 4.35
CA SER A 253 -8.19 13.05 5.39
C SER A 253 -8.07 14.56 5.24
N VAL A 254 -9.14 15.27 5.58
CA VAL A 254 -9.20 16.72 5.44
C VAL A 254 -9.26 17.33 6.83
N ILE A 255 -8.32 18.23 7.11
CA ILE A 255 -8.33 19.00 8.35
C ILE A 255 -9.07 20.31 8.07
N LEU A 256 -10.12 20.58 8.83
CA LEU A 256 -10.99 21.72 8.58
C LEU A 256 -10.64 22.84 9.54
N PHE A 257 -10.35 24.02 8.99
CA PHE A 257 -9.98 25.21 9.76
C PHE A 257 -11.02 26.28 9.48
N LEU A 258 -12.04 26.37 10.33
CA LEU A 258 -13.09 27.38 10.18
C LEU A 258 -12.53 28.72 10.63
N ASN A 259 -11.91 29.44 9.70
CA ASN A 259 -11.21 30.69 10.02
C ASN A 259 -12.20 31.78 10.38
N LYS A 260 -11.64 32.90 10.86
CA LYS A 260 -12.39 34.13 11.16
C LYS A 260 -13.50 33.88 12.18
N GLN A 261 -13.10 33.34 13.33
CA GLN A 261 -14.03 33.16 14.43
C GLN A 261 -14.32 34.48 15.16
N ASP A 262 -13.33 35.37 15.24
CA ASP A 262 -13.56 36.67 15.87
C ASP A 262 -14.57 37.49 15.09
N LEU A 263 -14.48 37.47 13.76
CA LEU A 263 -15.46 38.17 12.94
C LEU A 263 -16.85 37.57 13.10
N LEU A 264 -16.94 36.25 13.22
CA LEU A 264 -18.22 35.61 13.47
C LEU A 264 -18.81 36.07 14.80
N ALA A 265 -17.98 36.07 15.85
CA ALA A 265 -18.45 36.50 17.16
C ALA A 265 -18.92 37.95 17.13
N GLU A 266 -18.20 38.81 16.41
CA GLU A 266 -18.65 40.19 16.24
C GLU A 266 -19.98 40.23 15.49
N LYS A 267 -20.14 39.39 14.47
CA LYS A 267 -21.28 39.49 13.59
C LYS A 267 -22.57 39.04 14.27
N VAL A 268 -22.53 37.92 15.00
CA VAL A 268 -23.76 37.41 15.62
C VAL A 268 -24.23 38.35 16.73
N LEU A 269 -23.30 38.93 17.49
CA LEU A 269 -23.65 39.81 18.60
C LEU A 269 -23.94 41.24 18.16
N ALA A 270 -24.18 41.47 16.86
CA ALA A 270 -24.49 42.80 16.37
C ALA A 270 -25.74 42.86 15.50
N GLY A 271 -26.40 41.72 15.27
CA GLY A 271 -27.58 41.71 14.44
C GLY A 271 -27.25 41.87 12.96
N LYS A 272 -28.30 42.05 12.17
CA LYS A 272 -28.20 42.24 10.73
C LYS A 272 -27.43 41.08 10.08
N SER A 273 -27.68 39.87 10.55
CA SER A 273 -27.03 38.67 10.02
C SER A 273 -28.01 37.77 9.30
N LYS A 274 -29.09 37.36 9.96
CA LYS A 274 -30.14 36.53 9.39
C LYS A 274 -29.57 35.28 8.72
N ILE A 275 -28.92 34.44 9.54
CA ILE A 275 -28.38 33.19 9.05
C ILE A 275 -29.50 32.29 8.55
N GLU A 276 -30.70 32.44 9.11
CA GLU A 276 -31.84 31.65 8.64
C GLU A 276 -32.17 31.96 7.19
N ASP A 277 -31.96 33.20 6.75
CA ASP A 277 -32.24 33.56 5.36
C ASP A 277 -31.38 32.76 4.40
N TYR A 278 -30.09 32.65 4.69
CA TYR A 278 -29.21 31.86 3.84
C TYR A 278 -29.42 30.37 4.03
N PHE A 279 -29.58 29.93 5.28
CA PHE A 279 -29.78 28.52 5.60
C PHE A 279 -31.11 28.35 6.31
N PRO A 280 -32.15 27.82 5.64
CA PRO A 280 -33.44 27.64 6.31
C PRO A 280 -33.44 26.46 7.27
N GLU A 281 -32.42 26.36 8.11
CA GLU A 281 -32.36 25.35 9.14
C GLU A 281 -31.89 25.89 10.49
N PHE A 282 -31.46 27.16 10.56
CA PHE A 282 -30.99 27.71 11.82
C PHE A 282 -32.13 27.82 12.84
N ALA A 283 -33.33 28.18 12.38
CA ALA A 283 -34.46 28.30 13.29
C ALA A 283 -34.83 26.94 13.89
N ARG A 284 -34.86 25.89 13.07
CA ARG A 284 -35.18 24.55 13.54
C ARG A 284 -33.89 23.77 13.85
N TYR A 285 -33.12 24.34 14.76
CA TYR A 285 -31.84 23.77 15.16
C TYR A 285 -31.65 23.96 16.66
N THR A 286 -30.84 23.09 17.25
CA THR A 286 -30.53 23.15 18.68
C THR A 286 -29.02 23.00 18.88
N THR A 287 -28.53 23.62 19.95
CA THR A 287 -27.11 23.52 20.27
C THR A 287 -26.75 22.07 20.56
N PRO A 288 -25.67 21.54 19.98
CA PRO A 288 -25.29 20.15 20.25
C PRO A 288 -25.03 19.91 21.73
N GLU A 289 -25.38 18.71 22.18
CA GLU A 289 -25.24 18.37 23.59
C GLU A 289 -23.78 18.39 24.03
N ASP A 290 -22.87 17.93 23.16
CA ASP A 290 -21.45 17.89 23.47
C ASP A 290 -20.75 19.21 23.22
N ALA A 291 -21.49 20.31 23.12
CA ALA A 291 -20.87 21.61 22.90
C ALA A 291 -20.01 22.01 24.09
N THR A 292 -18.88 22.64 23.80
CA THR A 292 -17.92 23.10 24.82
C THR A 292 -17.67 24.57 24.58
N PRO A 293 -18.60 25.44 24.97
CA PRO A 293 -18.41 26.88 24.74
C PRO A 293 -17.21 27.42 25.49
N GLU A 294 -16.50 28.33 24.85
CA GLU A 294 -15.39 29.01 25.50
C GLU A 294 -15.94 29.92 26.61
N PRO A 295 -15.26 30.01 27.74
CA PRO A 295 -15.73 30.90 28.82
C PRO A 295 -15.86 32.34 28.34
N GLY A 296 -17.08 32.87 28.44
CA GLY A 296 -17.40 34.20 27.99
C GLY A 296 -18.17 34.26 26.69
N GLU A 297 -18.28 33.14 25.97
CA GLU A 297 -19.02 33.13 24.72
C GLU A 297 -20.52 33.14 24.97
N ASP A 298 -21.23 33.95 24.21
CA ASP A 298 -22.68 33.96 24.27
C ASP A 298 -23.24 32.66 23.68
N PRO A 299 -24.42 32.23 24.12
CA PRO A 299 -25.02 31.03 23.50
C PRO A 299 -25.25 31.16 22.00
N ARG A 300 -25.58 32.35 21.51
CA ARG A 300 -25.85 32.52 20.08
C ARG A 300 -24.60 32.24 19.23
N VAL A 301 -23.45 32.71 19.69
CA VAL A 301 -22.21 32.51 18.94
C VAL A 301 -21.88 31.02 18.85
N THR A 302 -22.00 30.32 19.98
CA THR A 302 -21.75 28.88 19.98
C THR A 302 -22.74 28.15 19.10
N ARG A 303 -24.00 28.58 19.13
CA ARG A 303 -25.03 27.98 18.29
C ARG A 303 -24.66 28.11 16.82
N ALA A 304 -24.26 29.31 16.39
CA ALA A 304 -23.89 29.52 14.99
C ALA A 304 -22.64 28.73 14.61
N LYS A 305 -21.63 28.74 15.48
CA LYS A 305 -20.39 28.00 15.20
C LYS A 305 -20.68 26.53 15.01
N TYR A 306 -21.44 25.93 15.93
CA TYR A 306 -21.71 24.51 15.84
C TYR A 306 -22.69 24.20 14.71
N PHE A 307 -23.54 25.15 14.34
CA PHE A 307 -24.39 24.95 13.16
C PHE A 307 -23.54 24.85 11.90
N ILE A 308 -22.56 25.75 11.75
CA ILE A 308 -21.68 25.67 10.58
C ILE A 308 -20.85 24.39 10.61
N ARG A 309 -20.34 24.03 11.78
CA ARG A 309 -19.55 22.81 11.90
C ARG A 309 -20.38 21.58 11.53
N ASP A 310 -21.63 21.53 11.98
CA ASP A 310 -22.51 20.42 11.61
C ASP A 310 -22.87 20.45 10.13
N GLU A 311 -22.97 21.64 9.55
CA GLU A 311 -23.22 21.74 8.11
C GLU A 311 -22.08 21.09 7.32
N PHE A 312 -20.85 21.32 7.75
CA PHE A 312 -19.72 20.66 7.08
C PHE A 312 -19.65 19.17 7.43
N LEU A 313 -19.96 18.81 8.67
CA LEU A 313 -19.88 17.42 9.08
C LEU A 313 -20.99 16.57 8.46
N ARG A 314 -22.08 17.19 7.98
CA ARG A 314 -23.08 16.43 7.25
C ARG A 314 -22.50 15.88 5.95
N ILE A 315 -21.73 16.69 5.23
CA ILE A 315 -21.03 16.21 4.05
C ILE A 315 -19.92 15.25 4.45
N SER A 316 -19.22 15.55 5.55
CA SER A 316 -18.11 14.71 5.98
C SER A 316 -18.57 13.29 6.32
N THR A 317 -19.69 13.16 7.03
CA THR A 317 -20.17 11.85 7.47
C THR A 317 -20.79 11.08 6.32
N ALA A 318 -21.56 11.75 5.47
CA ALA A 318 -22.14 11.09 4.31
C ALA A 318 -21.05 10.61 3.37
N SER A 319 -21.22 9.39 2.86
CA SER A 319 -20.17 8.70 2.10
C SER A 319 -18.94 8.61 3.00
N GLY A 320 -17.75 8.66 2.44
CA GLY A 320 -16.55 8.66 3.25
C GLY A 320 -16.16 7.29 3.76
N ASP A 321 -17.15 6.50 4.16
CA ASP A 321 -16.94 5.16 4.72
C ASP A 321 -16.12 5.23 5.99
N GLY A 322 -14.91 4.67 5.96
CA GLY A 322 -14.06 4.68 7.14
C GLY A 322 -12.60 4.90 6.84
N ARG A 323 -12.27 5.14 5.57
CA ARG A 323 -10.88 5.28 5.14
C ARG A 323 -10.36 6.71 5.23
N HIS A 324 -11.22 7.70 5.48
CA HIS A 324 -10.76 9.07 5.64
C HIS A 324 -11.79 9.84 6.45
N TYR A 325 -11.31 10.76 7.28
CA TYR A 325 -12.15 11.51 8.20
C TYR A 325 -11.91 13.00 8.03
N CYS A 326 -12.72 13.78 8.74
CA CYS A 326 -12.60 15.23 8.78
C CYS A 326 -12.37 15.67 10.22
N TYR A 327 -11.49 16.65 10.41
CA TYR A 327 -11.11 17.14 11.73
C TYR A 327 -11.45 18.61 11.83
N PRO A 328 -12.68 18.96 12.23
CA PRO A 328 -13.03 20.38 12.36
C PRO A 328 -12.24 21.06 13.46
N HIS A 329 -11.93 22.33 13.22
CA HIS A 329 -11.17 23.13 14.18
C HIS A 329 -11.64 24.57 14.07
N PHE A 330 -11.75 25.24 15.23
CA PHE A 330 -12.20 26.63 15.27
C PHE A 330 -10.97 27.53 15.41
N THR A 331 -10.25 27.68 14.31
CA THR A 331 -9.11 28.59 14.26
C THR A 331 -9.60 30.00 14.04
N CYS A 332 -9.19 30.94 14.91
CA CYS A 332 -9.80 32.26 14.86
C CYS A 332 -9.18 33.14 13.77
N SER A 333 -7.99 33.68 14.00
CA SER A 333 -7.26 34.31 12.91
C SER A 333 -5.76 34.03 12.95
N VAL A 334 -5.18 34.13 14.15
CA VAL A 334 -3.74 34.22 14.31
C VAL A 334 -3.27 33.30 15.43
N ASP A 335 -4.12 32.34 15.81
CA ASP A 335 -3.79 31.45 16.92
C ASP A 335 -2.46 30.76 16.68
N THR A 336 -1.62 30.73 17.71
CA THR A 336 -0.33 30.07 17.61
C THR A 336 -0.44 28.55 17.61
N GLU A 337 -1.59 28.01 17.96
CA GLU A 337 -1.78 26.57 18.09
C GLU A 337 -2.32 25.92 16.83
N ASN A 338 -2.42 26.67 15.72
CA ASN A 338 -2.81 26.06 14.45
C ASN A 338 -1.82 24.97 14.06
N ALA A 339 -0.53 25.22 14.27
CA ALA A 339 0.50 24.28 13.89
C ALA A 339 0.45 23.04 14.79
N ARG A 340 0.17 23.24 16.08
CA ARG A 340 0.01 22.09 16.98
C ARG A 340 -1.23 21.28 16.63
N ARG A 341 -2.32 21.93 16.24
CA ARG A 341 -3.50 21.22 15.78
C ARG A 341 -3.18 20.38 14.55
N ILE A 342 -2.43 20.95 13.61
CA ILE A 342 -2.03 20.22 12.42
C ILE A 342 -1.18 19.01 12.79
N PHE A 343 -0.25 19.20 13.72
CA PHE A 343 0.61 18.09 14.14
C PHE A 343 -0.20 16.98 14.79
N ASN A 344 -1.12 17.34 15.69
CA ASN A 344 -1.92 16.33 16.37
C ASN A 344 -2.80 15.57 15.40
N ASP A 345 -3.41 16.29 14.44
CA ASP A 345 -4.25 15.62 13.45
C ASP A 345 -3.44 14.70 12.56
N CYS A 346 -2.24 15.12 12.15
CA CYS A 346 -1.39 14.26 11.34
C CYS A 346 -0.96 13.02 12.11
N ARG A 347 -0.62 13.18 13.39
CA ARG A 347 -0.26 12.03 14.22
C ARG A 347 -1.43 11.06 14.34
N ASP A 348 -2.64 11.58 14.53
CA ASP A 348 -3.81 10.71 14.63
C ASP A 348 -4.07 9.99 13.31
N ILE A 349 -3.89 10.69 12.19
CA ILE A 349 -4.08 10.07 10.88
C ILE A 349 -3.09 8.94 10.67
N ILE A 350 -1.83 9.17 11.02
CA ILE A 350 -0.80 8.14 10.86
C ILE A 350 -1.08 6.95 11.77
N GLN A 351 -1.49 7.21 13.02
CA GLN A 351 -1.82 6.12 13.92
C GLN A 351 -2.98 5.30 13.40
N ARG A 352 -4.02 5.96 12.88
CA ARG A 352 -5.16 5.23 12.33
C ARG A 352 -4.78 4.43 11.10
N MET A 353 -3.90 4.99 10.25
CA MET A 353 -3.42 4.25 9.09
C MET A 353 -2.63 3.01 9.50
N HIS A 354 -1.77 3.16 10.52
CA HIS A 354 -0.95 2.02 10.96
C HIS A 354 -1.79 0.97 11.65
N LEU A 355 -2.86 1.37 12.35
CA LEU A 355 -3.76 0.41 12.96
C LEU A 355 -4.63 -0.32 11.96
N ARG A 356 -4.66 0.12 10.70
CA ARG A 356 -5.49 -0.49 9.67
C ARG A 356 -4.72 -1.53 8.86
N GLN A 357 -3.42 -1.31 8.61
CA GLN A 357 -2.61 -2.33 7.97
C GLN A 357 -2.53 -3.60 8.81
N TYR A 358 -2.59 -3.45 10.13
CA TYR A 358 -2.63 -4.59 11.04
C TYR A 358 -4.04 -5.12 11.24
N GLU A 359 -5.04 -4.51 10.61
CA GLU A 359 -6.44 -4.92 10.72
C GLU A 359 -6.93 -4.87 12.16
N LEU A 360 -6.36 -3.97 12.96
CA LEU A 360 -6.80 -3.77 14.34
C LEU A 360 -7.90 -2.74 14.46
N LEU A 361 -8.32 -2.13 13.36
CA LEU A 361 -9.30 -1.05 13.41
C LEU A 361 -10.11 -1.00 12.12
N GLU B 8 -23.42 43.50 -32.26
CA GLU B 8 -24.23 42.69 -31.37
C GLU B 8 -23.63 41.30 -31.19
N LEU B 9 -23.92 40.66 -30.05
CA LEU B 9 -23.38 39.35 -29.75
C LEU B 9 -24.29 38.22 -30.23
N ASP B 10 -25.61 38.45 -30.27
CA ASP B 10 -26.52 37.41 -30.74
C ASP B 10 -26.29 37.09 -32.20
N GLN B 11 -26.05 38.12 -33.03
CA GLN B 11 -25.75 37.88 -34.44
C GLN B 11 -24.42 37.15 -34.59
N LEU B 12 -23.46 37.44 -33.73
CA LEU B 12 -22.18 36.71 -33.76
C LEU B 12 -22.38 35.25 -33.41
N ARG B 13 -23.22 34.96 -32.40
CA ARG B 13 -23.52 33.58 -32.05
C ARG B 13 -24.23 32.87 -33.20
N GLN B 14 -25.17 33.55 -33.86
CA GLN B 14 -25.86 32.94 -34.99
C GLN B 14 -24.89 32.65 -36.14
N GLU B 15 -23.97 33.58 -36.41
CA GLU B 15 -22.96 33.33 -37.44
C GLU B 15 -22.07 32.16 -37.07
N ALA B 16 -21.69 32.06 -35.80
CA ALA B 16 -20.88 30.93 -35.36
C ALA B 16 -21.62 29.61 -35.53
N GLU B 17 -22.91 29.60 -35.19
CA GLU B 17 -23.71 28.38 -35.37
C GLU B 17 -23.82 28.02 -36.84
N GLN B 18 -24.03 29.00 -37.71
CA GLN B 18 -24.10 28.73 -39.14
C GLN B 18 -22.78 28.20 -39.67
N LEU B 19 -21.66 28.76 -39.21
CA LEU B 19 -20.35 28.27 -39.63
C LEU B 19 -20.11 26.86 -39.13
N LYS B 20 -20.54 26.55 -37.91
CA LYS B 20 -20.42 25.19 -37.40
C LYS B 20 -21.22 24.21 -38.23
N ASN B 21 -22.45 24.58 -38.60
CA ASN B 21 -23.25 23.72 -39.47
C ASN B 21 -22.60 23.55 -40.84
N GLN B 22 -22.02 24.64 -41.38
CA GLN B 22 -21.34 24.56 -42.66
C GLN B 22 -20.15 23.61 -42.59
N ILE B 23 -19.36 23.68 -41.52
CA ILE B 23 -18.23 22.77 -41.36
C ILE B 23 -18.73 21.34 -41.21
N ARG B 24 -19.83 21.14 -40.48
CA ARG B 24 -20.38 19.80 -40.32
C ARG B 24 -20.79 19.20 -41.66
N ASP B 25 -21.49 19.98 -42.49
CA ASP B 25 -21.94 19.43 -43.77
C ASP B 25 -20.77 19.29 -44.75
N ALA B 26 -19.76 20.14 -44.63
CA ALA B 26 -18.56 19.97 -45.45
C ALA B 26 -17.82 18.68 -45.09
N ARG B 27 -17.72 18.38 -43.80
CA ARG B 27 -17.10 17.12 -43.40
C ARG B 27 -17.99 15.93 -43.75
N LYS B 28 -19.30 16.12 -43.81
CA LYS B 28 -20.19 15.05 -44.23
C LYS B 28 -20.10 14.75 -45.72
N ALA B 29 -19.46 15.61 -46.49
CA ALA B 29 -19.35 15.43 -47.94
C ALA B 29 -18.20 14.51 -48.34
N CYS B 30 -17.39 14.05 -47.39
CA CYS B 30 -16.28 13.15 -47.69
C CYS B 30 -16.34 11.84 -46.94
N ALA B 31 -17.41 11.58 -46.18
CA ALA B 31 -17.47 10.39 -45.34
C ALA B 31 -17.58 9.11 -46.16
N ASP B 32 -18.29 9.17 -47.30
CA ASP B 32 -18.60 8.04 -48.17
C ASP B 32 -18.55 6.68 -47.48
N ALA B 33 -17.36 6.16 -47.24
CA ALA B 33 -17.16 4.88 -46.57
C ALA B 33 -16.26 5.07 -45.35
N THR B 34 -16.66 4.49 -44.22
CA THR B 34 -15.89 4.61 -43.00
C THR B 34 -14.63 3.75 -43.07
N LEU B 35 -13.76 3.91 -42.06
CA LEU B 35 -12.52 3.15 -42.04
C LEU B 35 -12.79 1.65 -41.92
N SER B 36 -13.79 1.26 -41.13
CA SER B 36 -14.09 -0.15 -40.95
C SER B 36 -14.52 -0.81 -42.26
N GLN B 37 -15.33 -0.11 -43.06
CA GLN B 37 -15.77 -0.67 -44.33
C GLN B 37 -14.60 -0.89 -45.27
N ILE B 38 -13.67 0.06 -45.34
CA ILE B 38 -12.49 -0.10 -46.18
C ILE B 38 -11.59 -1.22 -45.64
N THR B 39 -11.52 -1.36 -44.32
CA THR B 39 -10.61 -2.30 -43.69
C THR B 39 -11.28 -3.62 -43.30
N ASN B 40 -12.45 -3.93 -43.86
CA ASN B 40 -13.07 -5.21 -43.57
C ASN B 40 -12.49 -6.29 -44.48
N ASN B 41 -11.17 -6.32 -44.60
CA ASN B 41 -10.47 -7.41 -45.26
C ASN B 41 -9.20 -7.84 -44.54
N ILE B 42 -8.61 -7.00 -43.69
CA ILE B 42 -7.32 -7.29 -43.09
C ILE B 42 -7.45 -8.45 -42.11
N ASP B 43 -6.46 -9.34 -42.12
CA ASP B 43 -6.41 -10.40 -41.15
C ASP B 43 -6.26 -9.81 -39.75
N PRO B 44 -6.93 -10.37 -38.74
CA PRO B 44 -6.76 -9.86 -37.38
C PRO B 44 -5.31 -9.97 -36.92
N VAL B 45 -4.87 -8.99 -36.14
CA VAL B 45 -3.50 -8.99 -35.65
C VAL B 45 -3.25 -10.21 -34.76
N GLY B 46 -4.23 -10.54 -33.91
CA GLY B 46 -4.12 -11.66 -33.01
C GLY B 46 -3.65 -11.23 -31.62
N ARG B 47 -3.73 -12.17 -30.70
CA ARG B 47 -3.35 -11.92 -29.31
C ARG B 47 -1.83 -11.82 -29.22
N ILE B 48 -1.34 -10.69 -28.71
CA ILE B 48 0.09 -10.51 -28.43
C ILE B 48 0.26 -10.51 -26.91
N GLN B 49 1.04 -11.45 -26.41
CA GLN B 49 1.33 -11.54 -24.98
C GLN B 49 2.74 -10.99 -24.75
N MET B 50 2.82 -9.88 -24.01
CA MET B 50 4.09 -9.23 -23.69
C MET B 50 4.40 -9.45 -22.22
N ARG B 51 5.60 -9.92 -21.93
CA ARG B 51 6.08 -10.17 -20.58
C ARG B 51 7.21 -9.20 -20.26
N THR B 52 7.15 -8.60 -19.08
CA THR B 52 8.14 -7.60 -18.68
C THR B 52 9.54 -8.17 -18.71
N ARG B 53 10.37 -7.71 -19.65
CA ARG B 53 11.75 -8.17 -19.70
C ARG B 53 12.56 -7.58 -18.55
N ARG B 54 12.43 -6.28 -18.31
CA ARG B 54 13.13 -5.60 -17.23
C ARG B 54 12.16 -4.73 -16.45
N THR B 55 12.29 -4.74 -15.13
CA THR B 55 11.56 -3.85 -14.26
C THR B 55 12.56 -2.99 -13.49
N LEU B 56 12.31 -1.69 -13.43
CA LEU B 56 13.25 -0.72 -12.89
C LEU B 56 12.73 -0.18 -11.56
N ARG B 57 13.59 -0.19 -10.56
CA ARG B 57 13.24 0.21 -9.20
C ARG B 57 14.15 1.34 -8.73
N GLY B 58 13.61 2.20 -7.87
CA GLY B 58 14.39 3.30 -7.34
C GLY B 58 13.63 4.58 -7.08
N HIS B 59 12.46 4.73 -7.70
CA HIS B 59 11.62 5.89 -7.44
C HIS B 59 10.84 5.66 -6.15
N LEU B 60 10.82 6.68 -5.28
CA LEU B 60 10.16 6.58 -4.00
C LEU B 60 8.70 7.04 -4.03
N ALA B 61 8.24 7.61 -5.13
CA ALA B 61 6.88 8.10 -5.24
C ALA B 61 6.36 7.81 -6.65
N LYS B 62 5.13 8.24 -6.91
CA LYS B 62 4.52 7.99 -8.21
C LYS B 62 5.29 8.68 -9.32
N ILE B 63 5.52 7.96 -10.41
CA ILE B 63 6.18 8.50 -11.59
C ILE B 63 5.12 9.03 -12.53
N TYR B 64 5.32 10.25 -13.02
CA TYR B 64 4.29 10.97 -13.78
C TYR B 64 4.61 11.13 -15.26
N ALA B 65 5.86 10.93 -15.67
CA ALA B 65 6.23 11.11 -17.06
C ALA B 65 7.52 10.35 -17.34
N MET B 66 7.84 10.23 -18.63
CA MET B 66 9.01 9.49 -19.09
C MET B 66 9.19 9.74 -20.57
N HIS B 67 10.44 9.74 -21.01
CA HIS B 67 10.77 9.90 -22.43
C HIS B 67 11.90 8.95 -22.80
N TRP B 68 11.80 8.38 -24.00
CA TRP B 68 12.86 7.53 -24.52
C TRP B 68 13.87 8.35 -25.29
N GLY B 69 15.15 8.12 -25.01
CA GLY B 69 16.20 8.79 -25.75
C GLY B 69 16.24 8.34 -27.19
N THR B 70 16.84 9.17 -28.04
CA THR B 70 16.89 8.88 -29.47
C THR B 70 18.14 8.06 -29.77
N ASP B 71 18.28 6.98 -28.99
CA ASP B 71 19.30 5.97 -29.25
C ASP B 71 18.78 4.57 -28.95
N SER B 72 17.50 4.42 -28.62
CA SER B 72 16.84 3.16 -28.27
C SER B 72 17.40 2.53 -26.99
N ARG B 73 18.24 3.24 -26.25
CA ARG B 73 18.86 2.70 -25.04
C ARG B 73 18.47 3.47 -23.79
N LEU B 74 18.72 4.77 -23.76
CA LEU B 74 18.55 5.57 -22.55
C LEU B 74 17.08 5.96 -22.36
N LEU B 75 16.73 6.27 -21.13
CA LEU B 75 15.34 6.53 -20.76
C LEU B 75 15.31 7.34 -19.48
N VAL B 76 14.66 8.50 -19.52
CA VAL B 76 14.56 9.40 -18.38
C VAL B 76 13.15 9.34 -17.82
N SER B 77 13.04 9.28 -16.49
CA SER B 77 11.75 9.19 -15.82
C SER B 77 11.60 10.29 -14.80
N ALA B 78 10.41 10.88 -14.73
CA ALA B 78 10.10 11.95 -13.80
C ALA B 78 9.06 11.47 -12.80
N SER B 79 9.35 11.61 -11.52
CA SER B 79 8.46 11.18 -10.46
C SER B 79 8.24 12.32 -9.47
N GLN B 80 7.07 12.31 -8.83
CA GLN B 80 6.73 13.33 -7.85
C GLN B 80 7.63 13.30 -6.61
N ASP B 81 8.56 12.35 -6.53
CA ASP B 81 9.57 12.40 -5.49
C ASP B 81 10.45 13.64 -5.65
N GLY B 82 10.77 13.99 -6.89
CA GLY B 82 11.64 15.12 -7.16
C GLY B 82 12.94 14.67 -7.79
N LYS B 83 12.90 13.55 -8.50
CA LYS B 83 14.08 12.96 -9.11
C LYS B 83 13.86 12.75 -10.60
N LEU B 84 14.91 13.02 -11.39
CA LEU B 84 14.93 12.70 -12.81
C LEU B 84 16.01 11.63 -13.00
N ILE B 85 15.61 10.38 -12.82
CA ILE B 85 16.52 9.25 -12.96
C ILE B 85 16.65 8.91 -14.44
N ILE B 86 17.88 8.76 -14.90
CA ILE B 86 18.16 8.37 -16.27
C ILE B 86 18.65 6.93 -16.25
N TRP B 87 17.94 6.05 -16.94
CA TRP B 87 18.17 4.62 -16.85
C TRP B 87 18.94 4.12 -18.08
N ASP B 88 19.16 2.80 -18.08
CA ASP B 88 19.69 2.08 -19.22
C ASP B 88 18.88 0.78 -19.30
N SER B 89 17.90 0.74 -20.21
CA SER B 89 16.98 -0.38 -20.26
C SER B 89 17.69 -1.69 -20.60
N TYR B 90 18.87 -1.63 -21.21
CA TYR B 90 19.61 -2.85 -21.53
C TYR B 90 20.07 -3.57 -20.26
N THR B 91 20.56 -2.82 -19.26
CA THR B 91 21.15 -3.43 -18.08
C THR B 91 20.54 -2.95 -16.77
N THR B 92 19.43 -2.21 -16.82
CA THR B 92 18.76 -1.68 -15.62
C THR B 92 19.74 -0.86 -14.78
N ASN B 93 20.59 -0.10 -15.45
CA ASN B 93 21.64 0.68 -14.80
C ASN B 93 21.21 2.13 -14.68
N LYS B 94 21.41 2.71 -13.50
CA LYS B 94 21.11 4.12 -13.28
C LYS B 94 22.32 4.94 -13.67
N VAL B 95 22.13 5.88 -14.59
CA VAL B 95 23.22 6.70 -15.09
C VAL B 95 23.23 8.09 -14.44
N HIS B 96 22.06 8.67 -14.22
CA HIS B 96 21.97 9.96 -13.54
C HIS B 96 20.77 9.95 -12.60
N ALA B 97 20.86 10.76 -11.55
CA ALA B 97 19.84 10.85 -10.52
C ALA B 97 19.56 12.32 -10.20
N ILE B 98 19.33 13.11 -11.23
CA ILE B 98 19.21 14.56 -11.12
C ILE B 98 18.13 14.93 -10.11
N PRO B 99 18.45 15.71 -9.08
CA PRO B 99 17.43 16.12 -8.11
C PRO B 99 16.72 17.40 -8.52
N LEU B 100 15.40 17.39 -8.50
CA LEU B 100 14.60 18.52 -8.96
C LEU B 100 14.46 19.57 -7.87
N ARG B 101 14.35 20.82 -8.30
CA ARG B 101 14.10 21.91 -7.36
C ARG B 101 12.67 21.86 -6.83
N SER B 102 11.71 21.52 -7.70
CA SER B 102 10.32 21.36 -7.31
C SER B 102 9.94 19.90 -7.43
N SER B 103 9.41 19.32 -6.35
CA SER B 103 9.11 17.89 -6.34
C SER B 103 7.92 17.57 -7.24
N TRP B 104 7.03 18.54 -7.47
CA TRP B 104 5.83 18.30 -8.27
C TRP B 104 6.17 18.49 -9.74
N VAL B 105 6.42 17.38 -10.42
CA VAL B 105 6.80 17.37 -11.83
C VAL B 105 5.84 16.46 -12.58
N MET B 106 5.25 16.98 -13.65
CA MET B 106 4.25 16.26 -14.42
C MET B 106 4.66 15.99 -15.86
N THR B 107 5.85 16.42 -16.27
CA THR B 107 6.31 16.19 -17.64
C THR B 107 7.78 15.78 -17.63
N CYS B 108 8.28 15.49 -18.83
CA CYS B 108 9.67 15.08 -19.00
C CYS B 108 10.00 15.15 -20.48
N ALA B 109 11.30 15.17 -20.78
CA ALA B 109 11.74 15.24 -22.16
C ALA B 109 13.17 14.73 -22.27
N TYR B 110 13.54 14.32 -23.48
CA TYR B 110 14.90 13.92 -23.81
C TYR B 110 15.25 14.51 -25.17
N ALA B 111 16.31 15.32 -25.21
CA ALA B 111 16.67 15.96 -26.46
C ALA B 111 17.11 14.92 -27.49
N PRO B 112 16.83 15.16 -28.78
CA PRO B 112 17.22 14.18 -29.79
C PRO B 112 18.70 14.24 -30.13
N SER B 113 19.52 14.39 -29.09
CA SER B 113 20.96 14.27 -29.21
C SER B 113 21.60 13.53 -28.04
N GLY B 114 20.87 13.33 -26.94
CA GLY B 114 21.44 12.77 -25.74
C GLY B 114 22.14 13.75 -24.83
N ASN B 115 22.11 15.05 -25.16
CA ASN B 115 22.84 16.05 -24.40
C ASN B 115 21.99 16.79 -23.38
N TYR B 116 20.68 16.91 -23.61
CA TYR B 116 19.80 17.66 -22.72
C TYR B 116 18.63 16.80 -22.27
N VAL B 117 18.09 17.14 -21.10
CA VAL B 117 16.88 16.51 -20.56
C VAL B 117 16.11 17.59 -19.81
N ALA B 118 14.88 17.86 -20.23
CA ALA B 118 14.06 18.88 -19.60
C ALA B 118 13.05 18.26 -18.64
N CYS B 119 12.34 19.13 -17.94
CA CYS B 119 11.27 18.72 -17.03
C CYS B 119 10.35 19.91 -16.82
N GLY B 120 9.46 19.77 -15.84
CA GLY B 120 8.51 20.83 -15.52
C GLY B 120 7.33 20.31 -14.72
N GLY B 121 6.56 21.20 -14.13
CA GLY B 121 5.43 20.76 -13.33
C GLY B 121 4.51 21.87 -12.85
N LEU B 122 4.07 21.77 -11.60
CA LEU B 122 3.16 22.76 -11.04
C LEU B 122 3.83 24.11 -10.82
N ASP B 123 5.15 24.19 -10.94
CA ASP B 123 5.89 25.43 -10.72
C ASP B 123 5.84 26.38 -11.91
N ASN B 124 5.04 26.07 -12.94
CA ASN B 124 4.92 26.92 -14.12
C ASN B 124 6.26 27.16 -14.80
N ILE B 125 7.19 26.21 -14.66
CA ILE B 125 8.57 26.40 -15.10
C ILE B 125 9.01 25.18 -15.89
N CYS B 126 10.06 25.38 -16.68
CA CYS B 126 10.65 24.32 -17.49
C CYS B 126 12.16 24.32 -17.23
N SER B 127 12.62 23.37 -16.42
CA SER B 127 14.04 23.26 -16.10
C SER B 127 14.73 22.40 -17.15
N ILE B 128 15.80 22.92 -17.74
CA ILE B 128 16.55 22.24 -18.78
C ILE B 128 17.89 21.83 -18.19
N TYR B 129 18.18 20.53 -18.22
CA TYR B 129 19.36 19.98 -17.59
C TYR B 129 20.38 19.57 -18.64
N ASN B 130 21.62 20.00 -18.47
CA ASN B 130 22.71 19.66 -19.37
C ASN B 130 23.31 18.33 -18.92
N LEU B 131 23.30 17.34 -19.81
CA LEU B 131 23.75 16.01 -19.45
C LEU B 131 25.25 15.83 -19.57
N LYS B 132 25.90 16.54 -20.49
CA LYS B 132 27.31 16.31 -20.79
C LYS B 132 28.05 17.65 -20.70
N THR B 133 28.78 17.84 -19.60
CA THR B 133 29.57 19.03 -19.36
C THR B 133 31.05 18.64 -19.26
N ARG B 134 31.89 19.64 -18.99
CA ARG B 134 33.31 19.39 -18.81
C ARG B 134 33.58 18.49 -17.62
N GLU B 135 32.86 18.71 -16.51
CA GLU B 135 32.99 17.89 -15.32
C GLU B 135 32.11 16.64 -15.35
N GLY B 136 31.33 16.46 -16.41
CA GLY B 136 30.43 15.32 -16.48
C GLY B 136 29.34 15.34 -15.44
N ASN B 137 28.84 16.52 -15.08
CA ASN B 137 27.82 16.66 -14.05
C ASN B 137 26.60 17.37 -14.63
N VAL B 138 25.46 17.14 -13.99
CA VAL B 138 24.21 17.75 -14.41
C VAL B 138 24.03 19.07 -13.69
N ARG B 139 23.43 20.03 -14.40
CA ARG B 139 23.17 21.36 -13.85
C ARG B 139 22.14 22.05 -14.73
N VAL B 140 21.32 22.89 -14.10
CA VAL B 140 20.25 23.58 -14.82
C VAL B 140 20.88 24.63 -15.73
N SER B 141 20.93 24.34 -17.03
CA SER B 141 21.47 25.30 -17.98
C SER B 141 20.59 26.55 -18.05
N ARG B 142 19.28 26.36 -18.11
CA ARG B 142 18.34 27.46 -18.17
C ARG B 142 17.05 27.06 -17.46
N GLU B 143 16.32 28.08 -16.99
CA GLU B 143 14.98 27.90 -16.46
C GLU B 143 14.06 28.84 -17.22
N LEU B 144 13.03 28.27 -17.85
CA LEU B 144 12.15 29.03 -18.72
C LEU B 144 10.86 29.36 -17.98
N ALA B 145 10.60 30.65 -17.81
CA ALA B 145 9.42 31.14 -17.09
C ALA B 145 8.63 32.06 -18.00
N GLY B 146 7.33 32.14 -17.72
CA GLY B 146 6.44 32.96 -18.53
C GLY B 146 5.10 32.31 -18.77
N HIS B 147 4.90 31.11 -18.22
CA HIS B 147 3.62 30.41 -18.29
C HIS B 147 2.83 30.72 -17.02
N THR B 148 1.60 31.18 -17.19
CA THR B 148 0.73 31.51 -16.05
C THR B 148 -0.16 30.33 -15.67
N GLY B 149 0.47 29.18 -15.44
CA GLY B 149 -0.27 27.99 -15.07
C GLY B 149 0.65 26.79 -15.05
N TYR B 150 0.11 25.69 -14.53
CA TYR B 150 0.90 24.47 -14.43
C TYR B 150 1.25 23.95 -15.81
N LEU B 151 2.43 23.36 -15.92
CA LEU B 151 2.98 22.91 -17.19
C LEU B 151 2.93 21.40 -17.26
N SER B 152 2.50 20.86 -18.40
CA SER B 152 2.16 19.44 -18.49
C SER B 152 2.90 18.67 -19.59
N CYS B 153 3.68 19.33 -20.44
CA CYS B 153 4.38 18.59 -21.49
C CYS B 153 5.49 19.44 -22.07
N CYS B 154 6.66 18.82 -22.24
CA CYS B 154 7.80 19.42 -22.93
C CYS B 154 8.32 18.43 -23.97
N ARG B 155 8.46 18.89 -25.20
CA ARG B 155 9.02 18.08 -26.28
C ARG B 155 10.11 18.87 -26.98
N PHE B 156 11.32 18.32 -26.99
CA PHE B 156 12.48 18.99 -27.57
C PHE B 156 12.32 19.03 -29.08
N LEU B 157 11.89 20.17 -29.60
CA LEU B 157 11.81 20.34 -31.06
C LEU B 157 13.20 20.25 -31.68
N ASP B 158 14.20 20.77 -31.01
CA ASP B 158 15.58 20.73 -31.46
C ASP B 158 16.48 20.89 -30.25
N ASP B 159 17.77 21.11 -30.48
CA ASP B 159 18.68 21.35 -29.37
C ASP B 159 18.63 22.80 -28.87
N ASN B 160 17.87 23.66 -29.53
CA ASN B 160 17.75 25.06 -29.14
C ASN B 160 16.32 25.54 -29.03
N GLN B 161 15.33 24.66 -29.26
CA GLN B 161 13.93 25.04 -29.16
C GLN B 161 13.15 23.90 -28.53
N ILE B 162 12.29 24.23 -27.57
CA ILE B 162 11.34 23.28 -26.99
C ILE B 162 9.96 23.90 -27.00
N VAL B 163 8.94 23.06 -27.16
CA VAL B 163 7.55 23.48 -27.13
C VAL B 163 6.94 23.02 -25.82
N THR B 164 6.33 23.97 -25.09
CA THR B 164 5.75 23.69 -23.79
C THR B 164 4.25 23.93 -23.83
N SER B 165 3.50 23.03 -23.21
CA SER B 165 2.06 23.14 -23.09
C SER B 165 1.70 23.27 -21.61
N SER B 166 0.97 24.33 -21.27
CA SER B 166 0.66 24.59 -19.87
C SER B 166 -0.84 24.64 -19.62
N GLY B 167 -1.22 25.03 -18.41
CA GLY B 167 -2.62 25.09 -18.01
C GLY B 167 -3.32 26.40 -18.24
N ASP B 168 -2.63 27.41 -18.79
CA ASP B 168 -3.27 28.68 -19.11
C ASP B 168 -3.90 28.69 -20.49
N THR B 169 -4.25 27.51 -21.02
CA THR B 169 -4.90 27.34 -22.32
C THR B 169 -4.06 27.85 -23.48
N THR B 170 -2.74 27.85 -23.33
CA THR B 170 -1.84 28.29 -24.38
C THR B 170 -0.65 27.36 -24.48
N CYS B 171 -0.06 27.28 -25.67
CA CYS B 171 1.18 26.59 -25.91
C CYS B 171 2.21 27.59 -26.41
N ALA B 172 3.47 27.38 -26.02
CA ALA B 172 4.53 28.32 -26.35
C ALA B 172 5.76 27.58 -26.85
N LEU B 173 6.52 28.26 -27.71
CA LEU B 173 7.80 27.76 -28.20
C LEU B 173 8.91 28.65 -27.68
N TRP B 174 9.93 28.05 -27.09
CA TRP B 174 10.98 28.77 -26.40
C TRP B 174 12.28 28.72 -27.18
N ASP B 175 13.18 29.64 -26.83
CA ASP B 175 14.54 29.67 -27.35
C ASP B 175 15.48 29.51 -26.15
N ILE B 176 16.14 28.36 -26.07
CA ILE B 176 16.94 28.03 -24.89
C ILE B 176 18.09 29.01 -24.70
N GLU B 177 18.65 29.52 -25.80
CA GLU B 177 19.81 30.41 -25.69
C GLU B 177 19.46 31.69 -24.95
N THR B 178 18.28 32.25 -25.23
CA THR B 178 17.85 33.49 -24.60
C THR B 178 16.78 33.30 -23.53
N GLY B 179 15.95 32.27 -23.67
CA GLY B 179 14.85 32.06 -22.75
C GLY B 179 13.57 32.78 -23.10
N GLN B 180 13.47 33.35 -24.29
CA GLN B 180 12.31 34.12 -24.69
C GLN B 180 11.14 33.20 -25.03
N GLN B 181 10.06 33.78 -25.54
CA GLN B 181 8.82 33.09 -25.88
C GLN B 181 8.46 33.40 -27.33
N THR B 182 9.42 33.16 -28.23
CA THR B 182 9.36 33.59 -29.63
C THR B 182 7.98 33.47 -30.25
N THR B 183 7.33 32.30 -30.10
CA THR B 183 6.00 32.08 -30.63
C THR B 183 5.11 31.51 -29.54
N THR B 184 3.94 32.11 -29.36
CA THR B 184 2.94 31.66 -28.40
C THR B 184 1.68 31.24 -29.13
N PHE B 185 1.23 30.02 -28.88
CA PHE B 185 0.07 29.46 -29.56
C PHE B 185 -1.15 29.57 -28.65
N THR B 186 -2.19 30.25 -29.13
CA THR B 186 -3.41 30.46 -28.37
C THR B 186 -4.60 29.97 -29.18
N GLY B 187 -5.70 29.69 -28.47
CA GLY B 187 -6.92 29.26 -29.12
C GLY B 187 -7.69 28.20 -28.36
N HIS B 188 -7.10 27.66 -27.31
CA HIS B 188 -7.77 26.65 -26.49
C HIS B 188 -8.57 27.33 -25.38
N THR B 189 -9.65 26.66 -24.97
CA THR B 189 -10.51 27.15 -23.91
C THR B 189 -10.39 26.32 -22.63
N GLY B 190 -9.38 25.46 -22.55
CA GLY B 190 -9.17 24.64 -21.37
C GLY B 190 -7.71 24.28 -21.25
N ASP B 191 -7.37 23.56 -20.18
CA ASP B 191 -5.99 23.17 -19.94
C ASP B 191 -5.48 22.29 -21.07
N VAL B 192 -4.29 22.62 -21.57
CA VAL B 192 -3.63 21.82 -22.59
C VAL B 192 -2.78 20.79 -21.88
N MET B 193 -3.10 19.50 -22.07
CA MET B 193 -2.46 18.43 -21.33
C MET B 193 -1.21 17.88 -22.04
N SER B 194 -1.39 17.32 -23.23
CA SER B 194 -0.31 16.62 -23.90
C SER B 194 -0.17 17.13 -25.31
N LEU B 195 1.06 17.08 -25.82
CA LEU B 195 1.37 17.47 -27.19
C LEU B 195 2.37 16.49 -27.77
N SER B 196 2.29 16.25 -29.07
CA SER B 196 3.21 15.38 -29.76
C SER B 196 3.63 16.03 -31.07
N LEU B 197 4.93 16.11 -31.29
CA LEU B 197 5.44 16.67 -32.54
C LEU B 197 5.26 15.66 -33.67
N ALA B 198 5.34 16.15 -34.89
CA ALA B 198 5.28 15.30 -36.07
C ALA B 198 6.67 14.82 -36.45
N PRO B 199 6.78 13.73 -37.22
CA PRO B 199 8.12 13.23 -37.55
C PRO B 199 8.80 14.05 -38.64
N ASP B 200 8.70 15.37 -38.52
CA ASP B 200 9.56 16.29 -39.26
C ASP B 200 9.98 17.49 -38.42
N THR B 201 9.51 17.58 -37.16
CA THR B 201 9.72 18.76 -36.31
C THR B 201 9.30 20.05 -37.01
N ARG B 202 8.18 19.97 -37.73
CA ARG B 202 7.61 21.11 -38.42
C ARG B 202 6.18 21.43 -37.96
N LEU B 203 5.39 20.41 -37.63
CA LEU B 203 4.05 20.59 -37.12
C LEU B 203 3.92 19.82 -35.81
N PHE B 204 3.06 20.33 -34.92
CA PHE B 204 2.75 19.61 -33.69
C PHE B 204 1.29 19.87 -33.33
N VAL B 205 0.72 18.92 -32.59
CA VAL B 205 -0.69 18.97 -32.19
C VAL B 205 -0.76 18.85 -30.68
N SER B 206 -1.83 19.42 -30.11
CA SER B 206 -2.01 19.46 -28.66
C SER B 206 -3.46 19.15 -28.33
N GLY B 207 -3.65 18.29 -27.31
CA GLY B 207 -4.97 17.94 -26.85
C GLY B 207 -5.32 18.69 -25.59
N ALA B 208 -6.41 19.45 -25.64
CA ALA B 208 -6.83 20.30 -24.54
C ALA B 208 -7.89 19.60 -23.70
N CYS B 209 -8.19 20.21 -22.56
CA CYS B 209 -9.21 19.70 -21.65
C CYS B 209 -10.62 20.09 -22.05
N ASP B 210 -10.78 20.88 -23.11
CA ASP B 210 -12.09 21.28 -23.61
C ASP B 210 -12.70 20.25 -24.57
N ALA B 211 -12.19 19.02 -24.56
CA ALA B 211 -12.65 17.95 -25.45
C ALA B 211 -12.50 18.35 -26.92
N SER B 212 -11.26 18.65 -27.29
CA SER B 212 -10.95 19.08 -28.64
C SER B 212 -9.44 19.05 -28.84
N ALA B 213 -9.02 18.66 -30.05
CA ALA B 213 -7.62 18.65 -30.43
C ALA B 213 -7.39 19.65 -31.55
N LYS B 214 -6.16 20.14 -31.67
CA LYS B 214 -5.81 21.14 -32.66
C LYS B 214 -4.39 20.91 -33.14
N LEU B 215 -4.10 21.39 -34.34
CA LEU B 215 -2.77 21.31 -34.92
C LEU B 215 -2.23 22.72 -35.16
N TRP B 216 -0.97 22.94 -34.80
CA TRP B 216 -0.33 24.23 -34.91
C TRP B 216 0.67 24.23 -36.08
N ASP B 217 1.39 25.34 -36.24
CA ASP B 217 2.29 25.50 -37.37
C ASP B 217 3.71 25.83 -36.91
N VAL B 218 3.98 25.73 -35.61
CA VAL B 218 5.29 26.00 -35.03
C VAL B 218 5.83 27.35 -35.49
N ARG B 219 6.24 27.45 -36.75
CA ARG B 219 6.85 28.67 -37.26
C ARG B 219 5.84 29.82 -37.28
N GLU B 220 4.76 29.67 -38.04
CA GLU B 220 3.79 30.76 -38.17
C GLU B 220 3.06 31.00 -36.87
N GLY B 221 2.55 29.94 -36.24
CA GLY B 221 1.95 30.06 -34.92
C GLY B 221 0.46 30.27 -34.90
N MET B 222 -0.28 29.50 -35.70
CA MET B 222 -1.74 29.56 -35.65
C MET B 222 -2.29 28.18 -35.97
N CYS B 223 -3.50 27.93 -35.49
CA CYS B 223 -4.17 26.66 -35.75
C CYS B 223 -4.52 26.53 -37.23
N ARG B 224 -4.32 25.33 -37.77
CA ARG B 224 -4.76 25.02 -39.12
C ARG B 224 -6.12 24.36 -39.14
N GLN B 225 -6.34 23.38 -38.26
CA GLN B 225 -7.63 22.70 -38.14
C GLN B 225 -7.91 22.40 -36.68
N THR B 226 -9.17 22.12 -36.39
CA THR B 226 -9.59 21.65 -35.08
C THR B 226 -10.39 20.37 -35.24
N PHE B 227 -10.37 19.53 -34.22
CA PHE B 227 -11.01 18.22 -34.27
C PHE B 227 -11.90 18.04 -33.05
N THR B 228 -13.17 17.76 -33.27
CA THR B 228 -14.13 17.51 -32.23
C THR B 228 -14.62 16.07 -32.31
N GLY B 229 -15.33 15.64 -31.26
CA GLY B 229 -15.84 14.28 -31.20
C GLY B 229 -15.69 13.69 -29.81
N HIS B 230 -14.67 14.14 -29.08
CA HIS B 230 -14.48 13.69 -27.71
C HIS B 230 -15.49 14.36 -26.78
N GLU B 231 -15.96 13.59 -25.80
CA GLU B 231 -16.97 14.09 -24.87
C GLU B 231 -16.39 14.64 -23.58
N SER B 232 -15.13 14.35 -23.26
CA SER B 232 -14.57 14.81 -22.00
C SER B 232 -13.12 15.26 -22.17
N ASP B 233 -12.42 15.48 -21.06
CA ASP B 233 -11.08 16.02 -21.10
C ASP B 233 -10.11 15.04 -21.76
N ILE B 234 -9.20 15.59 -22.54
CA ILE B 234 -8.19 14.79 -23.25
C ILE B 234 -6.93 14.75 -22.39
N ASN B 235 -6.50 13.54 -22.03
CA ASN B 235 -5.34 13.37 -21.16
C ASN B 235 -4.06 13.02 -21.89
N ALA B 236 -4.15 12.48 -23.11
CA ALA B 236 -2.96 12.05 -23.82
C ALA B 236 -3.22 12.10 -25.32
N ILE B 237 -2.14 12.15 -26.09
CA ILE B 237 -2.23 12.24 -27.54
C ILE B 237 -0.87 11.85 -28.11
N CYS B 238 -0.88 11.20 -29.26
CA CYS B 238 0.33 10.66 -29.86
C CYS B 238 0.34 11.07 -31.33
N PHE B 239 1.23 10.47 -32.12
CA PHE B 239 1.33 10.80 -33.54
C PHE B 239 1.66 9.56 -34.33
N PHE B 240 0.99 9.41 -35.47
CA PHE B 240 1.32 8.34 -36.40
C PHE B 240 2.73 8.56 -36.96
N PRO B 241 3.49 7.48 -37.18
CA PRO B 241 4.86 7.63 -37.68
C PRO B 241 4.95 8.28 -39.05
N ASN B 242 3.86 8.28 -39.82
CA ASN B 242 3.86 8.93 -41.13
C ASN B 242 3.54 10.42 -41.06
N GLY B 243 3.18 10.93 -39.89
CA GLY B 243 2.88 12.34 -39.75
C GLY B 243 1.58 12.78 -40.36
N ASN B 244 0.62 11.86 -40.54
CA ASN B 244 -0.66 12.19 -41.14
C ASN B 244 -1.84 11.77 -40.25
N ALA B 245 -1.58 11.30 -39.04
CA ALA B 245 -2.64 10.90 -38.12
C ALA B 245 -2.12 11.03 -36.70
N PHE B 246 -3.07 11.10 -35.76
CA PHE B 246 -2.70 11.22 -34.35
C PHE B 246 -3.83 10.68 -33.50
N ALA B 247 -3.51 9.73 -32.62
CA ALA B 247 -4.49 9.15 -31.72
C ALA B 247 -4.64 10.01 -30.48
N THR B 248 -5.85 9.98 -29.92
CA THR B 248 -6.19 10.79 -28.76
C THR B 248 -6.85 9.92 -27.71
N GLY B 249 -6.50 10.16 -26.45
CA GLY B 249 -7.10 9.42 -25.35
C GLY B 249 -7.69 10.37 -24.32
N SER B 250 -8.95 10.16 -23.96
CA SER B 250 -9.67 11.09 -23.09
C SER B 250 -10.23 10.34 -21.89
N ASP B 251 -10.92 11.09 -21.02
CA ASP B 251 -11.51 10.55 -19.80
C ASP B 251 -12.81 9.80 -20.03
N ASP B 252 -13.40 9.90 -21.23
CA ASP B 252 -14.62 9.18 -21.54
C ASP B 252 -14.36 7.73 -21.96
N ALA B 253 -13.18 7.20 -21.64
CA ALA B 253 -12.82 5.80 -21.85
C ALA B 253 -12.75 5.41 -23.32
N THR B 254 -12.66 6.39 -24.22
CA THR B 254 -12.64 6.12 -25.65
C THR B 254 -11.39 6.70 -26.27
N CYS B 255 -10.58 5.84 -26.89
CA CYS B 255 -9.49 6.30 -27.73
C CYS B 255 -10.02 6.59 -29.13
N ARG B 256 -9.47 7.63 -29.76
CA ARG B 256 -9.94 8.04 -31.08
C ARG B 256 -8.76 8.28 -31.99
N LEU B 257 -8.96 8.03 -33.28
CA LEU B 257 -7.94 8.22 -34.30
C LEU B 257 -8.43 9.28 -35.29
N PHE B 258 -7.73 10.41 -35.32
CA PHE B 258 -8.06 11.51 -36.21
C PHE B 258 -7.17 11.44 -37.45
N ASP B 259 -7.45 12.32 -38.41
CA ASP B 259 -6.66 12.41 -39.64
C ASP B 259 -6.56 13.87 -40.04
N LEU B 260 -5.50 14.19 -40.78
CA LEU B 260 -5.21 15.58 -41.14
C LEU B 260 -5.88 15.96 -42.46
N ARG B 261 -5.57 15.22 -43.53
CA ARG B 261 -6.13 15.54 -44.85
C ARG B 261 -7.64 15.40 -44.85
N ALA B 262 -8.17 14.36 -44.22
CA ALA B 262 -9.62 14.17 -44.13
C ALA B 262 -10.27 15.12 -43.14
N ASP B 263 -9.54 15.54 -42.10
CA ASP B 263 -10.07 16.44 -41.08
C ASP B 263 -11.33 15.87 -40.44
N GLN B 264 -11.30 14.56 -40.16
CA GLN B 264 -12.48 13.88 -39.64
C GLN B 264 -12.04 12.75 -38.72
N GLU B 265 -12.97 12.33 -37.87
CA GLU B 265 -12.76 11.15 -37.03
C GLU B 265 -12.77 9.89 -37.90
N LEU B 266 -11.84 8.98 -37.64
CA LEU B 266 -11.73 7.75 -38.41
C LEU B 266 -12.16 6.51 -37.65
N MET B 267 -11.78 6.38 -36.38
CA MET B 267 -12.13 5.21 -35.61
C MET B 267 -12.11 5.53 -34.12
N THR B 268 -13.01 4.91 -33.37
CA THR B 268 -13.10 5.07 -31.93
C THR B 268 -12.92 3.71 -31.26
N TYR B 269 -11.96 3.62 -30.36
CA TYR B 269 -11.65 2.38 -29.65
C TYR B 269 -12.28 2.44 -28.26
N SER B 270 -13.21 1.54 -28.00
CA SER B 270 -13.90 1.50 -26.72
C SER B 270 -14.45 0.10 -26.50
N HIS B 271 -14.82 -0.18 -25.25
CA HIS B 271 -15.44 -1.44 -24.88
C HIS B 271 -16.28 -1.23 -23.63
N ASP B 272 -17.34 -2.02 -23.51
CA ASP B 272 -18.25 -1.86 -22.37
C ASP B 272 -17.59 -2.24 -21.07
N ASN B 273 -16.63 -3.18 -21.10
CA ASN B 273 -15.90 -3.53 -19.88
C ASN B 273 -15.01 -2.39 -19.42
N ILE B 274 -14.69 -1.45 -20.31
CA ILE B 274 -13.80 -0.34 -20.01
C ILE B 274 -14.63 0.89 -19.65
N ILE B 275 -14.40 1.43 -18.47
CA ILE B 275 -15.12 2.63 -18.02
C ILE B 275 -14.19 3.76 -17.62
N CYS B 276 -12.94 3.49 -17.26
CA CYS B 276 -12.02 4.54 -16.86
C CYS B 276 -11.31 5.13 -18.09
N GLY B 277 -10.76 6.32 -17.91
CA GLY B 277 -10.15 7.06 -18.98
C GLY B 277 -8.79 6.51 -19.38
N ILE B 278 -8.13 7.27 -20.25
CA ILE B 278 -6.80 6.93 -20.77
C ILE B 278 -5.82 7.98 -20.27
N THR B 279 -4.64 7.53 -19.85
CA THR B 279 -3.63 8.42 -19.32
C THR B 279 -2.43 8.63 -20.24
N SER B 280 -2.15 7.69 -21.14
CA SER B 280 -1.02 7.81 -22.04
C SER B 280 -1.30 6.99 -23.30
N VAL B 281 -0.90 7.52 -24.44
CA VAL B 281 -1.09 6.87 -25.73
C VAL B 281 0.23 6.91 -26.49
N SER B 282 0.58 5.79 -27.14
CA SER B 282 1.81 5.70 -27.91
C SER B 282 1.63 4.70 -29.03
N PHE B 283 1.78 5.16 -30.27
CA PHE B 283 1.71 4.27 -31.42
C PHE B 283 2.98 3.41 -31.50
N SER B 284 2.91 2.39 -32.35
CA SER B 284 4.06 1.51 -32.58
C SER B 284 4.82 2.00 -33.81
N LYS B 285 5.88 1.29 -34.19
CA LYS B 285 6.71 1.73 -35.31
C LYS B 285 5.96 1.66 -36.63
N SER B 286 5.20 0.58 -36.85
CA SER B 286 4.46 0.42 -38.09
C SER B 286 3.07 1.04 -38.04
N GLY B 287 2.71 1.68 -36.94
CA GLY B 287 1.38 2.24 -36.82
C GLY B 287 0.26 1.24 -36.81
N ARG B 288 0.51 0.03 -36.30
CA ARG B 288 -0.51 -1.01 -36.22
C ARG B 288 -0.75 -1.45 -34.78
N LEU B 289 -0.09 -0.83 -33.80
CA LEU B 289 -0.31 -1.18 -32.41
C LEU B 289 -0.47 0.11 -31.61
N LEU B 290 -1.72 0.49 -31.35
CA LEU B 290 -2.02 1.70 -30.58
C LEU B 290 -2.08 1.32 -29.10
N LEU B 291 -0.90 1.27 -28.49
CA LEU B 291 -0.82 1.03 -27.06
C LEU B 291 -1.38 2.23 -26.31
N ALA B 292 -1.99 1.97 -25.15
CA ALA B 292 -2.62 3.03 -24.38
C ALA B 292 -2.74 2.61 -22.92
N GLY B 293 -2.37 3.51 -22.01
CA GLY B 293 -2.54 3.26 -20.60
C GLY B 293 -3.98 3.45 -20.17
N TYR B 294 -4.28 3.02 -18.94
CA TYR B 294 -5.63 3.12 -18.43
C TYR B 294 -5.58 3.30 -16.92
N ASP B 295 -6.67 3.84 -16.36
CA ASP B 295 -6.76 4.09 -14.93
C ASP B 295 -7.01 2.83 -14.12
N ASP B 296 -7.40 1.72 -14.75
CA ASP B 296 -7.63 0.46 -14.04
C ASP B 296 -6.37 -0.39 -13.95
N PHE B 297 -5.20 0.24 -13.97
CA PHE B 297 -3.88 -0.31 -13.64
C PHE B 297 -3.29 -1.18 -14.75
N ASN B 298 -3.90 -1.24 -15.92
CA ASN B 298 -3.37 -2.04 -17.01
C ASN B 298 -3.46 -1.25 -18.31
N CYS B 299 -2.52 -1.51 -19.21
CA CYS B 299 -2.54 -0.90 -20.54
C CYS B 299 -3.44 -1.73 -21.45
N ASN B 300 -3.47 -1.39 -22.74
CA ASN B 300 -4.34 -2.09 -23.67
C ASN B 300 -3.76 -1.96 -25.08
N VAL B 301 -3.25 -3.07 -25.61
CA VAL B 301 -2.67 -3.07 -26.95
C VAL B 301 -3.81 -3.07 -27.95
N TRP B 302 -4.16 -1.91 -28.46
CA TRP B 302 -5.16 -1.79 -29.52
C TRP B 302 -4.49 -2.01 -30.88
N ASP B 303 -5.23 -1.74 -31.95
CA ASP B 303 -4.63 -1.71 -33.28
C ASP B 303 -5.36 -0.67 -34.11
N ALA B 304 -4.61 0.05 -34.93
CA ALA B 304 -5.15 1.23 -35.61
C ALA B 304 -6.26 0.87 -36.58
N LEU B 305 -6.11 -0.21 -37.33
CA LEU B 305 -7.04 -0.52 -38.42
C LEU B 305 -8.23 -1.35 -37.94
N LYS B 306 -7.97 -2.52 -37.37
CA LYS B 306 -9.07 -3.41 -36.99
C LYS B 306 -9.83 -2.88 -35.79
N ALA B 307 -9.17 -2.12 -34.92
CA ALA B 307 -9.80 -1.51 -33.74
C ALA B 307 -10.34 -2.56 -32.77
N ASP B 308 -9.68 -3.71 -32.69
CA ASP B 308 -10.07 -4.78 -31.79
C ASP B 308 -8.97 -4.97 -30.76
N ARG B 309 -9.31 -4.80 -29.49
CA ARG B 309 -8.33 -4.93 -28.41
C ARG B 309 -7.69 -6.30 -28.45
N ALA B 310 -6.38 -6.33 -28.70
CA ALA B 310 -5.67 -7.58 -28.90
C ALA B 310 -5.03 -8.11 -27.62
N GLY B 311 -4.14 -7.33 -27.01
CA GLY B 311 -3.40 -7.78 -25.85
C GLY B 311 -3.43 -6.75 -24.74
N VAL B 312 -3.06 -7.21 -23.54
CA VAL B 312 -3.03 -6.38 -22.35
C VAL B 312 -1.70 -6.57 -21.64
N LEU B 313 -1.05 -5.46 -21.29
CA LEU B 313 0.17 -5.50 -20.48
C LEU B 313 -0.18 -5.22 -19.01
N ALA B 314 -0.94 -6.14 -18.42
CA ALA B 314 -1.41 -5.98 -17.05
C ALA B 314 -0.32 -6.46 -16.09
N GLY B 315 0.42 -5.52 -15.51
CA GLY B 315 1.43 -5.87 -14.52
C GLY B 315 1.59 -4.84 -13.42
N HIS B 316 0.70 -3.85 -13.36
CA HIS B 316 0.86 -2.71 -12.47
C HIS B 316 -0.21 -2.72 -11.39
N ASP B 317 0.17 -2.29 -10.18
CA ASP B 317 -0.74 -2.22 -9.04
C ASP B 317 -1.36 -0.84 -8.88
N ASN B 318 -1.08 0.10 -9.77
CA ASN B 318 -1.65 1.44 -9.67
C ASN B 318 -1.79 2.02 -11.06
N ARG B 319 -2.30 3.25 -11.13
CA ARG B 319 -2.59 3.89 -12.40
C ARG B 319 -1.35 3.96 -13.28
N VAL B 320 -1.49 3.57 -14.54
CA VAL B 320 -0.42 3.73 -15.52
C VAL B 320 -0.39 5.20 -15.93
N SER B 321 0.77 5.85 -15.79
CA SER B 321 0.87 7.28 -16.00
C SER B 321 1.63 7.67 -17.24
N CYS B 322 2.50 6.81 -17.75
CA CYS B 322 3.26 7.11 -18.96
C CYS B 322 3.48 5.82 -19.75
N LEU B 323 3.67 5.97 -21.06
CA LEU B 323 3.79 4.84 -21.95
C LEU B 323 4.43 5.33 -23.25
N GLY B 324 5.56 4.72 -23.62
CA GLY B 324 6.27 5.15 -24.81
C GLY B 324 6.94 4.02 -25.57
N VAL B 325 6.65 3.91 -26.86
CA VAL B 325 7.27 2.92 -27.72
C VAL B 325 8.59 3.47 -28.25
N THR B 326 9.61 2.62 -28.26
CA THR B 326 10.96 3.03 -28.59
C THR B 326 11.06 3.28 -30.10
N ASP B 327 12.06 4.08 -30.50
CA ASP B 327 12.18 4.49 -31.89
C ASP B 327 12.37 3.30 -32.82
N ASP B 328 13.22 2.35 -32.43
CA ASP B 328 13.42 1.17 -33.26
C ASP B 328 12.30 0.15 -33.11
N GLY B 329 11.50 0.25 -32.05
CA GLY B 329 10.32 -0.56 -31.90
C GLY B 329 10.47 -1.85 -31.13
N MET B 330 11.60 -2.06 -30.45
CA MET B 330 11.84 -3.31 -29.74
C MET B 330 11.55 -3.23 -28.25
N ALA B 331 10.91 -2.15 -27.79
CA ALA B 331 10.65 -2.04 -26.36
C ALA B 331 9.44 -1.13 -26.12
N VAL B 332 8.77 -1.35 -25.00
CA VAL B 332 7.69 -0.51 -24.51
C VAL B 332 7.87 -0.35 -23.01
N ALA B 333 8.04 0.89 -22.56
CA ALA B 333 8.22 1.18 -21.15
C ALA B 333 6.92 1.73 -20.58
N THR B 334 6.50 1.21 -19.44
CA THR B 334 5.25 1.59 -18.80
C THR B 334 5.54 2.02 -17.36
N GLY B 335 5.51 3.32 -17.10
CA GLY B 335 5.68 3.85 -15.76
C GLY B 335 4.32 4.16 -15.16
N SER B 336 4.11 3.70 -13.93
CA SER B 336 2.83 3.81 -13.27
C SER B 336 3.00 4.35 -11.86
N TRP B 337 1.88 4.78 -11.28
CA TRP B 337 1.87 5.44 -9.98
C TRP B 337 2.35 4.54 -8.85
N ASP B 338 2.66 3.28 -9.15
CA ASP B 338 3.24 2.40 -8.14
C ASP B 338 4.75 2.53 -8.06
N SER B 339 5.32 3.55 -8.68
CA SER B 339 6.75 3.91 -8.62
C SER B 339 7.65 2.95 -9.37
N PHE B 340 7.10 2.06 -10.18
CA PHE B 340 7.88 1.07 -10.90
C PHE B 340 7.76 1.26 -12.41
N LEU B 341 8.89 1.21 -13.09
CA LEU B 341 8.94 1.19 -14.54
C LEU B 341 9.14 -0.25 -15.00
N LYS B 342 8.44 -0.63 -16.07
CA LYS B 342 8.53 -1.97 -16.61
C LYS B 342 8.76 -1.89 -18.11
N ILE B 343 9.77 -2.61 -18.60
CA ILE B 343 10.08 -2.67 -20.02
C ILE B 343 9.47 -3.94 -20.58
N TRP B 344 8.56 -3.79 -21.53
CA TRP B 344 7.83 -4.90 -22.11
C TRP B 344 8.39 -5.21 -23.49
N ASN B 345 8.24 -6.47 -23.90
CA ASN B 345 8.67 -6.92 -25.22
C ASN B 345 8.06 -8.26 -25.57
N ALA C 6 -12.04 41.63 -25.12
CA ALA C 6 -13.47 41.64 -24.83
C ALA C 6 -14.16 40.43 -25.47
N SER C 7 -15.44 40.26 -25.16
CA SER C 7 -16.20 39.16 -25.73
C SER C 7 -16.35 39.30 -27.24
N ILE C 8 -16.56 40.53 -27.71
CA ILE C 8 -16.71 40.77 -29.15
C ILE C 8 -15.43 40.41 -29.90
N ALA C 9 -14.29 40.81 -29.35
CA ALA C 9 -13.01 40.49 -29.98
C ALA C 9 -12.77 38.98 -30.02
N GLN C 10 -13.09 38.29 -28.92
CA GLN C 10 -12.93 36.83 -28.89
C GLN C 10 -13.85 36.15 -29.90
N ALA C 11 -15.09 36.62 -30.01
CA ALA C 11 -16.01 36.05 -30.98
C ALA C 11 -15.53 36.30 -32.40
N ARG C 12 -15.01 37.49 -32.68
CA ARG C 12 -14.49 37.79 -34.01
C ARG C 12 -13.29 36.91 -34.33
N LYS C 13 -12.40 36.71 -33.36
CA LYS C 13 -11.25 35.83 -33.57
C LYS C 13 -11.71 34.40 -33.82
N LEU C 14 -12.71 33.92 -33.08
CA LEU C 14 -13.24 32.58 -33.31
C LEU C 14 -13.85 32.45 -34.69
N VAL C 15 -14.58 33.48 -35.14
CA VAL C 15 -15.18 33.45 -36.46
C VAL C 15 -14.11 33.42 -37.55
N GLU C 16 -13.06 34.23 -37.37
CA GLU C 16 -11.96 34.23 -38.34
C GLU C 16 -11.25 32.89 -38.37
N GLN C 17 -11.04 32.28 -37.20
CA GLN C 17 -10.40 30.96 -37.15
C GLN C 17 -11.26 29.91 -37.84
N LEU C 18 -12.57 29.94 -37.62
CA LEU C 18 -13.46 29.00 -38.28
C LEU C 18 -13.45 29.20 -39.79
N LYS C 19 -13.43 30.46 -40.24
CA LYS C 19 -13.37 30.74 -41.67
C LYS C 19 -12.07 30.22 -42.28
N MET C 20 -10.95 30.40 -41.58
CA MET C 20 -9.67 29.89 -42.06
C MET C 20 -9.68 28.36 -42.12
N GLU C 21 -10.29 27.72 -41.11
CA GLU C 21 -10.37 26.26 -41.11
C GLU C 21 -11.24 25.76 -42.26
N ALA C 22 -12.32 26.48 -42.58
CA ALA C 22 -13.23 26.02 -43.62
C ALA C 22 -12.55 25.98 -44.98
N ASN C 23 -11.70 26.96 -45.28
CA ASN C 23 -11.05 27.06 -46.58
C ASN C 23 -9.84 26.11 -46.60
N ILE C 24 -10.13 24.83 -46.82
CA ILE C 24 -9.09 23.81 -46.92
C ILE C 24 -9.39 22.90 -48.11
N ASP C 25 -8.60 21.84 -48.25
CA ASP C 25 -8.69 20.93 -49.38
C ASP C 25 -9.03 19.52 -48.91
N ARG C 26 -10.06 19.41 -48.06
CA ARG C 26 -10.48 18.13 -47.48
C ARG C 26 -10.46 17.00 -48.49
N ILE C 27 -9.94 15.85 -48.06
CA ILE C 27 -9.80 14.67 -48.89
C ILE C 27 -10.69 13.57 -48.33
N LYS C 28 -11.26 12.77 -49.23
CA LYS C 28 -12.17 11.70 -48.82
C LYS C 28 -11.46 10.72 -47.89
N VAL C 29 -12.21 10.24 -46.89
CA VAL C 29 -11.62 9.36 -45.88
C VAL C 29 -11.18 8.03 -46.48
N SER C 30 -11.73 7.63 -47.62
CA SER C 30 -11.32 6.38 -48.24
C SER C 30 -9.85 6.41 -48.63
N LYS C 31 -9.41 7.52 -49.22
CA LYS C 31 -8.01 7.63 -49.62
C LYS C 31 -7.08 7.68 -48.41
N ALA C 32 -7.49 8.37 -47.35
CA ALA C 32 -6.69 8.39 -46.13
C ALA C 32 -6.59 7.00 -45.51
N ALA C 33 -7.70 6.25 -45.50
CA ALA C 33 -7.67 4.89 -44.98
C ALA C 33 -6.78 4.00 -45.83
N ALA C 34 -6.82 4.18 -47.17
CA ALA C 34 -5.93 3.42 -48.04
C ALA C 34 -4.47 3.75 -47.77
N ASP C 35 -4.16 5.03 -47.55
CA ASP C 35 -2.79 5.41 -47.23
C ASP C 35 -2.33 4.80 -45.92
N LEU C 36 -3.19 4.83 -44.89
CA LEU C 36 -2.83 4.24 -43.61
C LEU C 36 -2.62 2.73 -43.74
N MET C 37 -3.50 2.05 -44.47
CA MET C 37 -3.35 0.61 -44.67
C MET C 37 -2.07 0.29 -45.42
N ALA C 38 -1.75 1.07 -46.45
CA ALA C 38 -0.53 0.84 -47.21
C ALA C 38 0.70 1.05 -46.34
N TYR C 39 0.71 2.10 -45.52
CA TYR C 39 1.84 2.33 -44.62
C TYR C 39 1.99 1.18 -43.62
N CYS C 40 0.87 0.74 -43.02
CA CYS C 40 0.95 -0.34 -42.04
C CYS C 40 1.44 -1.64 -42.68
N GLU C 41 0.94 -1.97 -43.87
CA GLU C 41 1.37 -3.21 -44.51
C GLU C 41 2.78 -3.10 -45.08
N ALA C 42 3.26 -1.89 -45.35
CA ALA C 42 4.64 -1.73 -45.79
C ALA C 42 5.62 -1.85 -44.64
N HIS C 43 5.25 -1.36 -43.46
CA HIS C 43 6.14 -1.39 -42.30
C HIS C 43 5.85 -2.54 -41.35
N ALA C 44 4.92 -3.44 -41.69
CA ALA C 44 4.62 -4.56 -40.81
C ALA C 44 5.83 -5.46 -40.58
N LYS C 45 6.58 -5.75 -41.65
CA LYS C 45 7.72 -6.66 -41.50
C LYS C 45 8.85 -6.05 -40.67
N GLU C 46 8.89 -4.72 -40.56
CA GLU C 46 9.94 -4.04 -39.80
C GLU C 46 9.53 -3.71 -38.37
N ASP C 47 8.31 -4.07 -37.97
CA ASP C 47 7.83 -3.75 -36.62
C ASP C 47 8.18 -4.90 -35.69
N PRO C 48 8.97 -4.68 -34.64
CA PRO C 48 9.30 -5.79 -33.73
C PRO C 48 8.16 -6.17 -32.81
N LEU C 49 7.29 -5.23 -32.43
CA LEU C 49 6.17 -5.58 -31.55
C LEU C 49 5.16 -6.45 -32.26
N LEU C 50 4.74 -6.04 -33.47
CA LEU C 50 3.79 -6.83 -34.23
C LEU C 50 4.38 -8.18 -34.64
N THR C 51 5.63 -8.18 -35.09
CA THR C 51 6.34 -9.41 -35.45
C THR C 51 7.53 -9.58 -34.53
N PRO C 52 7.44 -10.45 -33.52
CA PRO C 52 8.52 -10.55 -32.52
C PRO C 52 9.85 -10.93 -33.15
N VAL C 53 10.92 -10.37 -32.58
CA VAL C 53 12.29 -10.62 -33.03
C VAL C 53 12.81 -11.85 -32.28
N PRO C 54 13.62 -12.71 -32.92
CA PRO C 54 14.18 -13.86 -32.21
C PRO C 54 14.97 -13.43 -30.98
N ALA C 55 14.90 -14.28 -29.94
CA ALA C 55 15.46 -13.91 -28.64
C ALA C 55 16.95 -13.63 -28.69
N SER C 56 17.67 -14.27 -29.63
CA SER C 56 19.10 -14.00 -29.76
C SER C 56 19.36 -12.57 -30.19
N GLU C 57 18.59 -12.07 -31.16
CA GLU C 57 18.77 -10.69 -31.62
C GLU C 57 18.13 -9.68 -30.67
N ASN C 58 17.16 -10.10 -29.87
CA ASN C 58 16.47 -9.19 -28.99
C ASN C 58 17.37 -8.76 -27.84
N PRO C 59 17.66 -7.47 -27.67
CA PRO C 59 18.58 -7.06 -26.60
C PRO C 59 18.03 -7.25 -25.20
N PHE C 60 16.71 -7.42 -25.04
CA PHE C 60 16.09 -7.56 -23.73
C PHE C 60 15.93 -9.05 -23.43
N ARG C 61 16.85 -9.60 -22.67
CA ARG C 61 16.78 -11.00 -22.26
C ARG C 61 16.97 -11.14 -20.74
N GLN D 3 -19.25 17.00 -30.52
CA GLN D 3 -19.08 18.34 -29.97
C GLN D 3 -20.14 18.63 -28.90
N VAL D 4 -19.69 18.80 -27.66
CA VAL D 4 -20.61 18.99 -26.54
C VAL D 4 -21.26 20.36 -26.67
N GLN D 5 -22.59 20.38 -26.69
CA GLN D 5 -23.34 21.61 -26.84
C GLN D 5 -24.56 21.57 -25.92
N LEU D 6 -24.81 22.69 -25.23
CA LEU D 6 -25.96 22.81 -24.34
C LEU D 6 -26.68 24.12 -24.66
N GLN D 7 -27.99 24.03 -24.87
CA GLN D 7 -28.81 25.19 -25.20
C GLN D 7 -29.93 25.31 -24.19
N GLU D 8 -30.15 26.52 -23.67
CA GLU D 8 -31.17 26.78 -22.67
C GLU D 8 -32.22 27.71 -23.23
N SER D 9 -33.44 27.57 -22.71
CA SER D 9 -34.57 28.39 -23.16
C SER D 9 -35.57 28.48 -22.02
N GLY D 10 -36.51 29.41 -22.17
CA GLY D 10 -37.54 29.63 -21.18
C GLY D 10 -37.32 30.82 -20.28
N GLY D 11 -36.28 31.61 -20.52
CA GLY D 11 -36.02 32.80 -19.72
C GLY D 11 -36.75 34.01 -20.27
N GLY D 12 -37.29 34.81 -19.37
CA GLY D 12 -38.02 35.99 -19.78
C GLY D 12 -38.49 36.78 -18.58
N LEU D 13 -39.13 37.92 -18.87
CA LEU D 13 -39.65 38.77 -17.81
C LEU D 13 -40.85 38.10 -17.14
N VAL D 14 -40.85 38.10 -15.81
CA VAL D 14 -41.91 37.49 -15.03
C VAL D 14 -42.16 38.35 -13.79
N GLN D 15 -43.44 38.52 -13.46
CA GLN D 15 -43.80 39.26 -12.25
C GLN D 15 -43.40 38.47 -11.01
N PRO D 16 -43.14 39.14 -9.90
CA PRO D 16 -42.76 38.42 -8.68
C PRO D 16 -43.84 37.43 -8.25
N GLY D 17 -43.39 36.28 -7.75
CA GLY D 17 -44.29 35.21 -7.38
C GLY D 17 -44.72 34.32 -8.52
N GLY D 18 -44.28 34.59 -9.75
CA GLY D 18 -44.67 33.79 -10.89
C GLY D 18 -43.90 32.49 -10.98
N SER D 19 -44.19 31.75 -12.05
CA SER D 19 -43.57 30.46 -12.30
C SER D 19 -42.92 30.46 -13.68
N LEU D 20 -41.67 30.05 -13.75
CA LEU D 20 -40.93 29.97 -14.99
C LEU D 20 -40.24 28.60 -15.09
N ARG D 21 -40.32 27.99 -16.26
CA ARG D 21 -39.73 26.69 -16.50
C ARG D 21 -38.59 26.83 -17.51
N LEU D 22 -37.42 26.30 -17.16
CA LEU D 22 -36.24 26.32 -18.02
C LEU D 22 -35.96 24.92 -18.53
N SER D 23 -35.64 24.82 -19.81
CA SER D 23 -35.29 23.56 -20.44
C SER D 23 -33.91 23.67 -21.08
N CYS D 24 -33.08 22.65 -20.89
CA CYS D 24 -31.71 22.63 -21.41
C CYS D 24 -31.55 21.38 -22.25
N ALA D 25 -31.52 21.55 -23.58
CA ALA D 25 -31.33 20.45 -24.51
C ALA D 25 -29.85 20.24 -24.76
N ALA D 26 -29.39 19.00 -24.60
CA ALA D 26 -27.98 18.67 -24.71
C ALA D 26 -27.74 17.76 -25.89
N SER D 27 -26.53 17.86 -26.46
CA SER D 27 -26.15 17.03 -27.59
C SER D 27 -24.64 16.87 -27.59
N GLY D 28 -24.18 15.83 -28.27
CA GLY D 28 -22.76 15.55 -28.40
C GLY D 28 -22.19 14.65 -27.33
N PHE D 29 -22.97 14.28 -26.31
CA PHE D 29 -22.51 13.38 -25.27
C PHE D 29 -23.68 12.57 -24.76
N THR D 30 -23.36 11.42 -24.18
CA THR D 30 -24.38 10.53 -23.62
C THR D 30 -24.97 11.17 -22.38
N PHE D 31 -26.23 11.63 -22.48
CA PHE D 31 -26.83 12.41 -21.41
C PHE D 31 -26.95 11.61 -20.12
N SER D 32 -27.29 10.33 -20.23
CA SER D 32 -27.56 9.52 -19.04
C SER D 32 -26.33 9.29 -18.19
N ASN D 33 -25.13 9.50 -18.73
CA ASN D 33 -23.90 9.15 -18.03
C ASN D 33 -23.33 10.27 -17.19
N TYR D 34 -23.93 11.46 -17.21
CA TYR D 34 -23.34 12.63 -16.57
C TYR D 34 -24.28 13.23 -15.55
N LYS D 35 -23.69 13.84 -14.53
CA LYS D 35 -24.43 14.53 -13.49
C LYS D 35 -24.58 16.00 -13.87
N MET D 36 -25.80 16.44 -14.11
CA MET D 36 -26.06 17.77 -14.62
C MET D 36 -26.36 18.74 -13.49
N ASN D 37 -25.98 20.00 -13.70
CA ASN D 37 -26.12 21.04 -12.68
C ASN D 37 -26.82 22.25 -13.29
N TRP D 38 -27.25 23.14 -12.40
CA TRP D 38 -27.78 24.45 -12.78
C TRP D 38 -26.97 25.51 -12.05
N VAL D 39 -26.47 26.48 -12.78
CA VAL D 39 -25.65 27.56 -12.23
C VAL D 39 -26.20 28.89 -12.70
N ARG D 40 -26.36 29.83 -11.77
CA ARG D 40 -26.87 31.15 -12.09
C ARG D 40 -25.86 32.21 -11.66
N GLN D 41 -25.85 33.32 -12.40
CA GLN D 41 -24.92 34.42 -12.15
C GLN D 41 -25.72 35.72 -12.03
N ALA D 42 -25.90 36.19 -10.80
CA ALA D 42 -26.59 37.44 -10.58
C ALA D 42 -25.75 38.61 -11.10
N PRO D 43 -26.40 39.64 -11.63
CA PRO D 43 -25.64 40.80 -12.13
C PRO D 43 -24.84 41.45 -11.01
N GLY D 44 -23.61 41.85 -11.35
CA GLY D 44 -22.73 42.43 -10.36
C GLY D 44 -22.13 41.45 -9.39
N LYS D 45 -22.21 40.15 -9.66
CA LYS D 45 -21.71 39.13 -8.77
C LYS D 45 -21.08 38.01 -9.61
N GLY D 46 -20.63 36.96 -8.93
CA GLY D 46 -20.06 35.80 -9.58
C GLY D 46 -21.09 34.70 -9.79
N LEU D 47 -20.62 33.60 -10.38
CA LEU D 47 -21.48 32.46 -10.64
C LEU D 47 -21.80 31.73 -9.33
N GLU D 48 -23.05 31.31 -9.19
CA GLU D 48 -23.52 30.64 -7.99
C GLU D 48 -24.21 29.34 -8.37
N TRP D 49 -23.83 28.26 -7.70
CA TRP D 49 -24.43 26.96 -7.96
C TRP D 49 -25.84 26.92 -7.38
N VAL D 50 -26.77 26.31 -8.12
CA VAL D 50 -28.19 26.32 -7.78
C VAL D 50 -28.68 24.93 -7.40
N SER D 51 -28.60 23.97 -8.32
CA SER D 51 -29.06 22.62 -8.05
C SER D 51 -28.27 21.63 -8.90
N ASP D 52 -28.34 20.36 -8.50
CA ASP D 52 -27.70 19.29 -9.25
C ASP D 52 -28.58 18.05 -9.19
N ILE D 53 -28.43 17.19 -10.20
CA ILE D 53 -29.22 15.97 -10.31
C ILE D 53 -28.29 14.85 -10.77
N SER D 54 -28.46 13.66 -10.21
CA SER D 54 -27.55 12.56 -10.46
C SER D 54 -27.82 11.95 -11.83
N GLN D 55 -27.15 10.83 -12.13
CA GLN D 55 -27.32 10.18 -13.42
C GLN D 55 -28.73 9.66 -13.61
N SER D 56 -29.28 9.03 -12.57
CA SER D 56 -30.60 8.42 -12.64
C SER D 56 -31.72 9.34 -12.19
N GLY D 57 -31.39 10.55 -11.74
CA GLY D 57 -32.39 11.44 -11.20
C GLY D 57 -32.77 11.18 -9.77
N ALA D 58 -32.13 10.21 -9.11
CA ALA D 58 -32.46 9.89 -7.73
C ALA D 58 -31.95 10.97 -6.78
N SER D 59 -30.65 11.22 -6.79
CA SER D 59 -30.06 12.21 -5.91
C SER D 59 -30.33 13.61 -6.43
N ILE D 60 -30.88 14.47 -5.57
CA ILE D 60 -31.17 15.85 -5.91
C ILE D 60 -30.79 16.73 -4.73
N SER D 61 -30.18 17.88 -5.02
CA SER D 61 -29.81 18.84 -3.99
C SER D 61 -30.03 20.24 -4.52
N TYR D 62 -30.27 21.18 -3.60
CA TYR D 62 -30.48 22.58 -3.96
C TYR D 62 -29.72 23.46 -2.99
N THR D 63 -29.46 24.69 -3.44
CA THR D 63 -28.90 25.69 -2.54
C THR D 63 -29.98 26.18 -1.57
N GLY D 64 -29.52 26.86 -0.52
CA GLY D 64 -30.44 27.28 0.52
C GLY D 64 -31.49 28.26 0.05
N SER D 65 -31.09 29.22 -0.80
CA SER D 65 -31.98 30.29 -1.21
C SER D 65 -33.17 29.79 -2.04
N VAL D 66 -33.06 28.62 -2.66
CA VAL D 66 -34.10 28.12 -3.55
C VAL D 66 -34.76 26.86 -3.04
N LYS D 67 -34.40 26.39 -1.85
CA LYS D 67 -34.99 25.16 -1.32
C LYS D 67 -36.49 25.33 -1.11
N GLY D 68 -37.26 24.37 -1.60
CA GLY D 68 -38.71 24.41 -1.48
C GLY D 68 -39.41 25.18 -2.57
N ARG D 69 -38.68 25.88 -3.43
CA ARG D 69 -39.27 26.64 -4.52
C ARG D 69 -38.90 26.12 -5.90
N PHE D 70 -37.68 25.62 -6.08
CA PHE D 70 -37.20 25.15 -7.37
C PHE D 70 -37.24 23.63 -7.43
N THR D 71 -37.51 23.10 -8.61
CA THR D 71 -37.54 21.66 -8.85
C THR D 71 -36.75 21.34 -10.11
N ILE D 72 -35.84 20.39 -10.01
CA ILE D 72 -34.95 20.02 -11.11
C ILE D 72 -35.18 18.55 -11.45
N SER D 73 -35.33 18.25 -12.74
CA SER D 73 -35.53 16.89 -13.20
C SER D 73 -34.90 16.74 -14.57
N ARG D 74 -34.56 15.50 -14.92
CA ARG D 74 -33.89 15.20 -16.17
C ARG D 74 -34.65 14.13 -16.92
N ASP D 75 -34.66 14.24 -18.25
CA ASP D 75 -35.25 13.24 -19.13
C ASP D 75 -34.12 12.60 -19.92
N ASN D 76 -33.73 11.39 -19.52
CA ASN D 76 -32.61 10.73 -20.16
C ASN D 76 -32.92 10.37 -21.61
N ALA D 77 -34.16 9.97 -21.89
CA ALA D 77 -34.54 9.59 -23.25
C ALA D 77 -34.51 10.79 -24.18
N LYS D 78 -34.97 11.94 -23.71
CA LYS D 78 -35.07 13.14 -24.54
C LYS D 78 -33.82 14.01 -24.48
N ASN D 79 -32.83 13.65 -23.68
CA ASN D 79 -31.59 14.42 -23.55
C ASN D 79 -31.88 15.88 -23.18
N THR D 80 -32.79 16.07 -22.23
CA THR D 80 -33.20 17.40 -21.81
C THR D 80 -33.16 17.51 -20.30
N LEU D 81 -32.72 18.67 -19.80
CA LEU D 81 -32.66 18.95 -18.37
C LEU D 81 -33.60 20.10 -18.06
N TYR D 82 -34.39 19.95 -17.01
CA TYR D 82 -35.44 20.91 -16.67
C TYR D 82 -35.21 21.51 -15.28
N LEU D 83 -35.71 22.72 -15.10
CA LEU D 83 -35.69 23.38 -13.79
C LEU D 83 -36.99 24.17 -13.65
N GLN D 84 -37.87 23.72 -12.77
CA GLN D 84 -39.13 24.39 -12.51
C GLN D 84 -38.94 25.41 -11.39
N MET D 85 -39.23 26.67 -11.68
CA MET D 85 -39.05 27.75 -10.72
C MET D 85 -40.43 28.25 -10.29
N ASN D 86 -40.63 28.34 -8.98
CA ASN D 86 -41.91 28.77 -8.41
C ASN D 86 -41.68 29.92 -7.43
N SER D 87 -42.63 30.85 -7.40
CA SER D 87 -42.60 32.01 -6.50
C SER D 87 -41.29 32.78 -6.66
N LEU D 88 -41.10 33.31 -7.86
CA LEU D 88 -39.89 34.06 -8.16
C LEU D 88 -39.78 35.32 -7.31
N LYS D 89 -38.57 35.60 -6.85
CA LYS D 89 -38.26 36.78 -6.07
C LYS D 89 -37.39 37.74 -6.89
N PRO D 90 -37.39 39.02 -6.55
CA PRO D 90 -36.51 39.96 -7.27
C PRO D 90 -35.04 39.59 -7.18
N GLU D 91 -34.61 38.96 -6.09
CA GLU D 91 -33.22 38.55 -5.95
C GLU D 91 -32.86 37.36 -6.84
N ASP D 92 -33.84 36.70 -7.45
CA ASP D 92 -33.60 35.55 -8.31
C ASP D 92 -33.28 35.95 -9.75
N THR D 93 -33.27 37.24 -10.06
CA THR D 93 -32.95 37.70 -11.41
C THR D 93 -31.47 37.44 -11.68
N ALA D 94 -31.20 36.54 -12.63
CA ALA D 94 -29.83 36.17 -12.95
C ALA D 94 -29.83 35.46 -14.31
N VAL D 95 -28.62 35.31 -14.85
CA VAL D 95 -28.41 34.52 -16.06
C VAL D 95 -28.22 33.07 -15.63
N TYR D 96 -29.02 32.17 -16.19
CA TYR D 96 -29.03 30.77 -15.77
C TYR D 96 -28.30 29.92 -16.81
N TYR D 97 -27.30 29.17 -16.35
CA TYR D 97 -26.51 28.28 -17.19
C TYR D 97 -26.80 26.84 -16.82
N CYS D 98 -26.86 25.97 -17.83
CA CYS D 98 -27.05 24.55 -17.63
C CYS D 98 -25.69 23.88 -17.78
N ALA D 99 -25.09 23.52 -16.65
CA ALA D 99 -23.73 22.99 -16.63
C ALA D 99 -23.75 21.46 -16.53
N ARG D 100 -22.59 20.87 -16.81
CA ARG D 100 -22.44 19.42 -16.81
C ARG D 100 -21.17 19.04 -16.05
N CYS D 101 -21.23 17.93 -15.33
CA CYS D 101 -20.05 17.43 -14.64
C CYS D 101 -18.96 17.08 -15.66
N PRO D 102 -17.70 17.35 -15.36
CA PRO D 102 -16.65 17.13 -16.37
C PRO D 102 -16.48 15.70 -16.82
N ALA D 103 -16.69 14.73 -15.93
CA ALA D 103 -16.43 13.33 -16.28
C ALA D 103 -17.65 12.48 -15.94
N PRO D 104 -17.87 11.41 -16.69
CA PRO D 104 -19.01 10.53 -16.40
C PRO D 104 -18.71 9.55 -15.27
N PHE D 105 -19.79 8.96 -14.76
CA PHE D 105 -19.72 7.92 -13.73
C PHE D 105 -18.97 8.39 -12.49
N THR D 106 -19.10 9.66 -12.13
CA THR D 106 -18.38 10.21 -11.00
C THR D 106 -19.31 11.08 -10.17
N ARG D 107 -18.96 11.23 -8.89
CA ARG D 107 -19.74 12.02 -7.96
C ARG D 107 -19.23 13.44 -7.79
N ASP D 108 -17.93 13.67 -7.98
CA ASP D 108 -17.35 14.99 -7.85
C ASP D 108 -17.69 15.84 -9.07
N CYS D 109 -18.23 17.03 -8.83
CA CYS D 109 -18.52 18.00 -9.87
C CYS D 109 -17.59 19.19 -9.67
N PHE D 110 -16.39 19.09 -10.21
CA PHE D 110 -15.40 20.15 -10.12
C PHE D 110 -15.60 21.18 -11.22
N ASP D 111 -15.27 22.43 -10.90
CA ASP D 111 -15.13 23.52 -11.87
C ASP D 111 -16.43 23.85 -12.58
N VAL D 112 -17.56 23.35 -12.08
CA VAL D 112 -18.84 23.66 -12.71
C VAL D 112 -19.16 25.14 -12.59
N THR D 113 -18.77 25.76 -11.47
CA THR D 113 -19.04 27.17 -11.23
C THR D 113 -17.88 28.07 -11.67
N SER D 114 -16.91 27.52 -12.38
CA SER D 114 -15.73 28.30 -12.78
C SER D 114 -16.10 29.37 -13.81
N THR D 115 -15.18 30.31 -13.98
CA THR D 115 -15.43 31.43 -14.89
C THR D 115 -15.49 30.97 -16.34
N THR D 116 -14.56 30.10 -16.74
CA THR D 116 -14.48 29.68 -18.15
C THR D 116 -14.63 28.17 -18.28
N TYR D 117 -15.64 27.60 -17.62
CA TYR D 117 -15.91 26.18 -17.75
C TYR D 117 -16.30 25.85 -19.19
N ALA D 118 -15.86 24.69 -19.66
CA ALA D 118 -16.03 24.34 -21.08
C ALA D 118 -17.41 23.76 -21.37
N TYR D 119 -17.83 22.75 -20.60
CA TYR D 119 -19.10 22.08 -20.84
C TYR D 119 -20.23 22.79 -20.08
N ARG D 120 -20.46 24.03 -20.47
CA ARG D 120 -21.54 24.83 -19.91
C ARG D 120 -22.28 25.54 -21.03
N GLY D 121 -23.57 25.75 -20.82
CA GLY D 121 -24.37 26.46 -21.80
C GLY D 121 -24.02 27.92 -21.86
N GLN D 122 -24.58 28.59 -22.86
CA GLN D 122 -24.31 30.01 -23.06
C GLN D 122 -25.25 30.92 -22.27
N GLY D 123 -26.24 30.35 -21.60
CA GLY D 123 -27.02 31.11 -20.62
C GLY D 123 -28.30 31.66 -21.20
N THR D 124 -29.30 31.76 -20.32
CA THR D 124 -30.58 32.39 -20.64
C THR D 124 -30.90 33.41 -19.55
N GLN D 125 -31.44 34.56 -19.96
CA GLN D 125 -31.68 35.66 -19.04
C GLN D 125 -33.06 35.53 -18.40
N VAL D 126 -33.10 35.57 -17.08
CA VAL D 126 -34.34 35.56 -16.32
C VAL D 126 -34.38 36.82 -15.48
N THR D 127 -35.40 37.65 -15.69
CA THR D 127 -35.56 38.92 -14.99
C THR D 127 -36.87 38.92 -14.23
N VAL D 128 -36.83 39.38 -12.98
CA VAL D 128 -38.02 39.41 -12.14
C VAL D 128 -38.33 40.85 -11.73
N GLU E 1 8.39 -25.63 26.18
CA GLU E 1 8.81 -26.97 25.83
C GLU E 1 10.07 -27.38 26.59
N GLY E 2 10.25 -26.77 27.76
CA GLY E 2 11.35 -27.14 28.64
C GLY E 2 10.87 -27.74 29.93
N THR E 3 9.69 -27.31 30.38
CA THR E 3 9.07 -27.90 31.57
C THR E 3 8.46 -29.26 31.25
N PHE E 4 7.91 -29.42 30.05
CA PHE E 4 7.35 -30.71 29.66
C PHE E 4 8.43 -31.76 29.49
N THR E 5 9.53 -31.41 28.82
CA THR E 5 10.61 -32.38 28.60
C THR E 5 11.23 -32.84 29.90
N SER E 6 11.39 -31.92 30.86
CA SER E 6 11.90 -32.30 32.17
C SER E 6 10.92 -33.15 32.95
N ASP E 7 9.67 -33.27 32.50
CA ASP E 7 8.69 -34.17 33.10
C ASP E 7 8.66 -35.51 32.40
N VAL E 8 8.70 -35.52 31.06
CA VAL E 8 8.74 -36.77 30.32
C VAL E 8 10.03 -37.53 30.62
N SER E 9 11.16 -36.82 30.59
CA SER E 9 12.44 -37.48 30.86
C SER E 9 12.54 -37.97 32.29
N SER E 10 12.03 -37.19 33.25
CA SER E 10 12.11 -37.61 34.65
C SER E 10 11.27 -38.85 34.92
N TYR E 11 10.17 -39.04 34.19
CA TYR E 11 9.35 -40.23 34.35
C TYR E 11 9.85 -41.38 33.48
N LEU E 12 10.28 -41.09 32.26
CA LEU E 12 10.80 -42.14 31.39
C LEU E 12 12.03 -42.79 31.99
N GLU E 13 12.95 -41.99 32.54
CA GLU E 13 14.13 -42.55 33.18
C GLU E 13 13.80 -43.18 34.52
N GLY E 14 12.74 -42.71 35.18
CA GLY E 14 12.31 -43.34 36.42
C GLY E 14 11.89 -44.78 36.21
N GLN E 15 11.16 -45.05 35.13
CA GLN E 15 10.80 -46.42 34.80
C GLN E 15 11.97 -47.21 34.24
N ALA E 16 13.02 -46.53 33.76
CA ALA E 16 14.19 -47.24 33.25
C ALA E 16 14.90 -47.99 34.35
N ALA E 17 15.02 -47.39 35.55
CA ALA E 17 15.62 -48.08 36.67
C ALA E 17 14.81 -49.30 37.08
N LYS E 18 13.48 -49.17 37.08
CA LYS E 18 12.63 -50.31 37.39
C LYS E 18 12.78 -51.42 36.36
N GLU E 19 12.89 -51.05 35.08
CA GLU E 19 13.09 -52.06 34.05
C GLU E 19 14.44 -52.75 34.21
N PHE E 20 15.48 -51.99 34.56
CA PHE E 20 16.80 -52.56 34.83
C PHE E 20 16.73 -53.54 36.00
N ILE E 21 16.03 -53.17 37.07
CA ILE E 21 15.90 -54.05 38.22
C ILE E 21 15.13 -55.32 37.84
N ALA E 22 14.08 -55.17 37.04
CA ALA E 22 13.32 -56.33 36.60
C ALA E 22 14.18 -57.25 35.73
N TRP E 23 15.01 -56.67 34.87
CA TRP E 23 15.91 -57.48 34.06
C TRP E 23 16.89 -58.24 34.93
N LEU E 24 17.42 -57.60 35.98
CA LEU E 24 18.28 -58.29 36.92
C LEU E 24 17.54 -59.31 37.77
N VAL E 25 16.22 -59.18 37.89
CA VAL E 25 15.43 -60.13 38.67
C VAL E 25 14.93 -61.28 37.81
N LYS E 26 14.54 -60.97 36.56
CA LYS E 26 14.04 -62.02 35.66
C LYS E 26 15.10 -63.08 35.39
N GLY E 27 16.38 -62.71 35.43
CA GLY E 27 17.45 -63.67 35.23
C GLY E 27 18.63 -63.11 34.47
N ARG E 28 18.44 -61.96 33.83
CA ARG E 28 19.49 -61.30 33.05
C ARG E 28 20.07 -62.23 31.98
N THR F 6 15.41 -37.16 39.38
CA THR F 6 15.09 -38.55 39.69
C THR F 6 16.36 -39.39 39.78
N VAL F 7 16.18 -40.70 39.95
CA VAL F 7 17.30 -41.63 40.02
C VAL F 7 17.69 -42.00 38.59
N SER F 8 18.83 -41.48 38.13
CA SER F 8 19.29 -41.76 36.78
C SER F 8 19.67 -43.23 36.63
N LEU F 9 19.49 -43.76 35.42
CA LEU F 9 19.85 -45.15 35.15
C LEU F 9 21.36 -45.36 35.29
N TRP F 10 22.16 -44.37 34.89
CA TRP F 10 23.61 -44.52 34.91
C TRP F 10 24.12 -44.77 36.32
N GLU F 11 23.57 -44.06 37.31
CA GLU F 11 23.98 -44.27 38.69
C GLU F 11 23.64 -45.69 39.15
N THR F 12 22.46 -46.18 38.78
CA THR F 12 22.07 -47.53 39.17
C THR F 12 22.99 -48.57 38.56
N VAL F 13 23.33 -48.43 37.27
CA VAL F 13 24.19 -49.42 36.64
C VAL F 13 25.61 -49.34 37.20
N GLN F 14 26.09 -48.13 37.52
CA GLN F 14 27.41 -48.02 38.14
C GLN F 14 27.44 -48.68 39.51
N LYS F 15 26.39 -48.47 40.30
CA LYS F 15 26.31 -49.13 41.60
C LYS F 15 26.19 -50.64 41.46
N TRP F 16 25.49 -51.11 40.42
CA TRP F 16 25.42 -52.54 40.17
C TRP F 16 26.79 -53.11 39.82
N ARG F 17 27.57 -52.37 39.02
CA ARG F 17 28.93 -52.81 38.72
C ARG F 17 29.78 -52.89 39.98
N GLU F 18 29.66 -51.90 40.85
CA GLU F 18 30.40 -51.93 42.11
C GLU F 18 29.98 -53.12 42.96
N TYR F 19 28.67 -53.38 43.05
CA TYR F 19 28.19 -54.53 43.82
C TYR F 19 28.68 -55.84 43.23
N ARG F 20 28.71 -55.93 41.89
CA ARG F 20 29.20 -57.15 41.25
C ARG F 20 30.68 -57.36 41.53
N ARG F 21 31.47 -56.29 41.51
CA ARG F 21 32.88 -56.42 41.86
C ARG F 21 33.05 -56.88 43.32
N GLN F 22 32.26 -56.31 44.23
CA GLN F 22 32.34 -56.72 45.63
C GLN F 22 31.97 -58.18 45.79
N CYS F 23 30.91 -58.62 45.10
CA CYS F 23 30.50 -60.02 45.21
C CYS F 23 31.53 -60.96 44.60
N GLN F 24 32.15 -60.55 43.48
CA GLN F 24 33.17 -61.37 42.85
C GLN F 24 34.37 -61.54 43.78
N ARG F 25 34.79 -60.46 44.45
CA ARG F 25 35.90 -60.61 45.39
C ARG F 25 35.47 -61.36 46.65
N SER F 26 34.19 -61.28 47.01
CA SER F 26 33.71 -61.98 48.21
C SER F 26 33.68 -63.49 47.99
N LEU F 27 33.24 -63.94 46.81
CA LEU F 27 33.25 -65.38 46.52
C LEU F 27 34.64 -65.98 46.59
N THR F 28 35.69 -65.19 46.34
CA THR F 28 37.05 -65.68 46.47
C THR F 28 37.59 -65.56 47.89
N GLU F 29 37.29 -64.45 48.57
CA GLU F 29 37.78 -64.27 49.94
C GLU F 29 37.09 -65.22 50.91
N ASP F 30 35.78 -65.40 50.77
CA ASP F 30 35.03 -66.24 51.70
C ASP F 30 35.34 -67.71 51.45
N PRO F 31 35.79 -68.46 52.45
CA PRO F 31 36.04 -69.89 52.27
C PRO F 31 34.77 -70.69 52.46
N PRO F 32 34.55 -71.71 51.63
CA PRO F 32 33.34 -72.53 51.77
C PRO F 32 33.48 -73.48 52.96
N PRO F 33 32.50 -73.48 53.86
CA PRO F 33 32.58 -74.44 54.99
C PRO F 33 32.62 -75.89 54.55
N ALA F 34 31.90 -76.24 53.48
CA ALA F 34 31.92 -77.59 52.92
C ALA F 34 31.58 -78.64 53.98
N THR F 35 30.60 -78.33 54.82
CA THR F 35 30.18 -79.24 55.89
C THR F 35 29.23 -80.28 55.30
N ASP F 36 28.59 -81.05 56.18
CA ASP F 36 27.67 -82.10 55.74
C ASP F 36 26.47 -81.50 55.04
N LEU F 37 26.29 -81.85 53.76
CA LEU F 37 25.16 -81.39 52.95
C LEU F 37 25.08 -79.87 52.91
N PHE F 38 26.23 -79.22 52.75
CA PHE F 38 26.30 -77.77 52.67
C PHE F 38 26.34 -77.33 51.21
N CYS F 39 25.71 -76.19 50.93
CA CYS F 39 25.67 -75.62 49.60
C CYS F 39 26.96 -74.84 49.33
N ASN F 40 26.99 -74.12 48.22
CA ASN F 40 28.13 -73.30 47.85
C ASN F 40 27.65 -71.91 47.47
N ARG F 41 28.60 -70.98 47.38
CA ARG F 41 28.27 -69.60 47.04
C ARG F 41 27.74 -69.52 45.62
N THR F 42 26.66 -68.76 45.45
CA THR F 42 26.04 -68.54 44.15
C THR F 42 25.73 -67.06 43.99
N PHE F 43 25.68 -66.62 42.74
CA PHE F 43 25.37 -65.22 42.42
C PHE F 43 24.29 -65.20 41.34
N ASP F 44 23.07 -64.83 41.74
CA ASP F 44 21.96 -64.70 40.81
C ASP F 44 21.90 -63.34 40.13
N GLU F 45 23.02 -62.62 40.10
CA GLU F 45 23.15 -61.29 39.53
C GLU F 45 22.27 -60.26 40.25
N TYR F 46 21.70 -60.60 41.38
CA TYR F 46 20.89 -59.69 42.19
C TYR F 46 21.34 -59.63 43.64
N ALA F 47 21.78 -60.74 44.21
CA ALA F 47 22.24 -60.78 45.58
C ALA F 47 23.40 -61.77 45.69
N CYS F 48 24.35 -61.45 46.56
CA CYS F 48 25.54 -62.29 46.76
C CYS F 48 25.21 -63.35 47.79
N TRP F 49 24.93 -64.57 47.32
CA TRP F 49 24.50 -65.64 48.20
C TRP F 49 25.72 -66.41 48.73
N PRO F 50 25.89 -66.52 50.04
CA PRO F 50 26.98 -67.33 50.59
C PRO F 50 26.57 -68.80 50.67
N ASP F 51 27.49 -69.61 51.21
CA ASP F 51 27.21 -71.03 51.38
C ASP F 51 26.12 -71.24 52.42
N GLY F 52 25.29 -72.26 52.20
CA GLY F 52 24.17 -72.55 53.05
C GLY F 52 24.32 -73.84 53.84
N GLU F 53 23.27 -74.16 54.58
CA GLU F 53 23.19 -75.33 55.44
C GLU F 53 21.86 -76.04 55.19
N PRO F 54 21.78 -77.34 55.51
CA PRO F 54 20.52 -78.07 55.31
C PRO F 54 19.37 -77.43 56.06
N GLY F 55 18.38 -76.96 55.30
CA GLY F 55 17.21 -76.34 55.88
C GLY F 55 17.42 -74.95 56.43
N SER F 56 18.57 -74.35 56.20
CA SER F 56 18.88 -73.02 56.72
C SER F 56 18.41 -71.97 55.71
N PHE F 57 17.48 -71.13 56.13
CA PHE F 57 16.96 -70.04 55.29
C PHE F 57 18.01 -68.94 55.28
N VAL F 58 18.88 -68.97 54.27
CA VAL F 58 19.95 -67.98 54.16
C VAL F 58 19.32 -66.62 53.88
N ASN F 59 19.52 -65.68 54.80
CA ASN F 59 18.91 -64.36 54.72
C ASN F 59 20.00 -63.34 54.38
N VAL F 60 19.79 -62.61 53.29
CA VAL F 60 20.69 -61.53 52.87
C VAL F 60 19.88 -60.25 52.85
N SER F 61 20.42 -59.20 53.49
CA SER F 61 19.71 -57.94 53.59
C SER F 61 19.41 -57.38 52.21
N CYS F 62 18.39 -56.50 52.16
CA CYS F 62 18.00 -55.84 50.92
C CYS F 62 19.22 -55.18 50.29
N PRO F 63 19.66 -55.67 49.13
CA PRO F 63 20.90 -55.16 48.55
C PRO F 63 20.76 -53.70 48.14
N TRP F 64 21.89 -52.99 48.17
CA TRP F 64 21.92 -51.62 47.66
C TRP F 64 21.91 -51.64 46.14
N TYR F 65 22.17 -50.48 45.55
CA TYR F 65 22.06 -50.13 44.12
C TYR F 65 20.59 -50.09 43.69
N LEU F 66 19.65 -50.39 44.58
CA LEU F 66 18.24 -50.28 44.24
C LEU F 66 17.88 -48.81 43.99
N PRO F 67 17.04 -48.52 43.00
CA PRO F 67 16.61 -47.13 42.80
C PRO F 67 15.88 -46.56 44.01
N TRP F 68 15.12 -47.38 44.73
CA TRP F 68 14.50 -46.95 45.97
C TRP F 68 15.43 -47.11 47.16
N ALA F 69 15.95 -48.32 47.37
CA ALA F 69 16.93 -48.60 48.43
C ALA F 69 16.44 -48.16 49.80
N SER F 70 16.46 -46.85 50.05
CA SER F 70 16.06 -46.32 51.35
C SER F 70 14.57 -46.54 51.64
N SER F 71 13.78 -46.88 50.61
CA SER F 71 12.36 -47.12 50.84
C SER F 71 12.13 -48.33 51.73
N VAL F 72 13.02 -49.32 51.67
CA VAL F 72 12.90 -50.53 52.49
C VAL F 72 14.19 -50.72 53.27
N PRO F 73 14.38 -50.00 54.39
CA PRO F 73 15.61 -50.20 55.17
C PRO F 73 15.68 -51.57 55.82
N GLN F 74 14.54 -52.11 56.26
CA GLN F 74 14.50 -53.41 56.94
C GLN F 74 13.92 -54.46 56.01
N GLY F 75 14.62 -55.58 55.89
CA GLY F 75 14.19 -56.66 55.03
C GLY F 75 15.34 -57.51 54.54
N HIS F 76 15.16 -58.83 54.53
CA HIS F 76 16.20 -59.77 54.15
C HIS F 76 15.71 -60.63 52.99
N VAL F 77 16.58 -60.84 52.01
CA VAL F 77 16.25 -61.74 50.91
C VAL F 77 16.48 -63.18 51.35
N TYR F 78 15.46 -64.02 51.20
CA TYR F 78 15.47 -65.37 51.72
C TYR F 78 15.74 -66.37 50.60
N ARG F 79 16.67 -67.30 50.84
CA ARG F 79 16.98 -68.36 49.88
C ARG F 79 17.53 -69.54 50.67
N PHE F 80 16.70 -70.55 50.90
CA PHE F 80 17.05 -71.68 51.74
C PHE F 80 17.81 -72.74 50.93
N CYS F 81 18.10 -73.87 51.59
CA CYS F 81 18.81 -74.97 50.98
C CYS F 81 18.12 -76.28 51.33
N THR F 82 18.32 -77.29 50.48
CA THR F 82 17.73 -78.59 50.71
C THR F 82 18.41 -79.29 51.89
N ALA F 83 17.74 -80.33 52.39
CA ALA F 83 18.33 -81.13 53.47
C ALA F 83 19.62 -81.80 53.02
N GLU F 84 19.75 -82.09 51.73
CA GLU F 84 20.99 -82.60 51.17
C GLU F 84 21.88 -81.50 50.62
N GLY F 85 21.49 -80.23 50.79
CA GLY F 85 22.28 -79.12 50.32
C GLY F 85 22.27 -78.97 48.82
N LEU F 86 21.11 -78.61 48.25
CA LEU F 86 20.98 -78.45 46.81
C LEU F 86 20.23 -77.17 46.44
N TRP F 87 20.26 -76.17 47.31
CA TRP F 87 19.72 -74.84 47.01
C TRP F 87 18.22 -74.93 46.65
N LEU F 88 17.43 -75.24 47.67
CA LEU F 88 15.99 -75.48 47.55
C LEU F 88 15.34 -74.56 46.53
N GLN F 89 14.56 -75.17 45.63
CA GLN F 89 13.94 -74.47 44.51
C GLN F 89 12.43 -74.38 44.72
N LYS F 90 11.85 -73.29 44.20
CA LYS F 90 10.41 -73.08 44.32
C LYS F 90 9.67 -74.08 43.45
N ASP F 91 8.97 -75.01 44.11
CA ASP F 91 8.20 -76.06 43.42
C ASP F 91 9.09 -76.88 42.49
N ASN F 92 10.32 -77.12 42.91
CA ASN F 92 11.29 -77.92 42.15
C ASN F 92 11.48 -77.38 40.74
N SER F 93 11.58 -76.06 40.62
CA SER F 93 11.77 -75.42 39.33
C SER F 93 13.24 -75.44 38.96
N SER F 94 13.59 -74.72 37.89
CA SER F 94 14.98 -74.67 37.42
C SER F 94 15.82 -73.65 38.17
N LEU F 95 15.23 -72.86 39.06
CA LEU F 95 15.96 -71.86 39.84
C LEU F 95 15.58 -71.99 41.31
N PRO F 96 16.50 -71.61 42.21
CA PRO F 96 16.18 -71.66 43.64
C PRO F 96 15.05 -70.72 43.99
N TRP F 97 14.31 -71.06 45.04
CA TRP F 97 13.15 -70.28 45.44
C TRP F 97 13.59 -68.87 45.84
N ARG F 98 13.09 -67.88 45.12
CA ARG F 98 13.66 -66.53 45.14
C ARG F 98 12.62 -65.45 45.43
N ASP F 99 11.85 -65.61 46.49
CA ASP F 99 10.91 -64.57 46.89
C ASP F 99 11.66 -63.28 47.19
N LEU F 100 11.26 -62.18 46.52
CA LEU F 100 11.91 -60.89 46.70
C LEU F 100 10.92 -59.79 47.04
N SER F 101 9.75 -60.16 47.58
CA SER F 101 8.72 -59.18 47.86
C SER F 101 9.13 -58.18 48.94
N GLU F 102 10.09 -58.53 49.79
CA GLU F 102 10.50 -57.63 50.87
C GLU F 102 11.14 -56.36 50.33
N CYS F 103 12.04 -56.49 49.36
CA CYS F 103 12.76 -55.36 48.79
C CYS F 103 12.08 -54.96 47.47
N GLU F 104 10.96 -54.24 47.61
CA GLU F 104 10.18 -53.81 46.46
C GLU F 104 9.76 -52.37 46.68
N GLU F 105 8.90 -51.87 45.78
CA GLU F 105 8.40 -50.51 45.89
C GLU F 105 7.51 -50.37 47.12
N SER F 106 7.67 -49.25 47.83
CA SER F 106 6.87 -48.98 49.02
C SER F 106 6.75 -47.48 49.27
N SER F 113 -1.76 -40.97 37.96
CA SER F 113 -0.43 -41.31 37.44
C SER F 113 -0.15 -40.52 36.16
N PRO F 114 1.07 -39.98 36.05
CA PRO F 114 1.33 -38.97 35.01
C PRO F 114 1.33 -39.48 33.58
N GLU F 115 1.40 -40.79 33.33
CA GLU F 115 1.62 -41.26 31.96
C GLU F 115 0.50 -40.82 31.02
N GLU F 116 -0.75 -40.95 31.46
CA GLU F 116 -1.88 -40.61 30.58
C GLU F 116 -1.86 -39.12 30.22
N GLN F 117 -1.63 -38.26 31.22
CA GLN F 117 -1.60 -36.83 30.96
C GLN F 117 -0.48 -36.46 30.00
N LEU F 118 0.71 -37.04 30.20
CA LEU F 118 1.83 -36.73 29.33
C LEU F 118 1.57 -37.19 27.90
N LEU F 119 1.00 -38.38 27.74
CA LEU F 119 0.69 -38.87 26.40
C LEU F 119 -0.36 -37.99 25.72
N PHE F 120 -1.39 -37.57 26.47
CA PHE F 120 -2.41 -36.70 25.91
C PHE F 120 -1.82 -35.37 25.47
N LEU F 121 -0.96 -34.78 26.32
CA LEU F 121 -0.31 -33.53 25.96
C LEU F 121 0.57 -33.69 24.73
N TYR F 122 1.31 -34.81 24.65
CA TYR F 122 2.15 -35.05 23.50
C TYR F 122 1.33 -35.12 22.22
N ILE F 123 0.21 -35.85 22.26
CA ILE F 123 -0.64 -35.96 21.08
C ILE F 123 -1.15 -34.59 20.66
N ILE F 124 -1.65 -33.81 21.63
CA ILE F 124 -2.25 -32.52 21.33
C ILE F 124 -1.21 -31.58 20.70
N TYR F 125 -0.05 -31.46 21.33
CA TYR F 125 0.92 -30.49 20.84
C TYR F 125 1.62 -30.98 19.58
N THR F 126 1.72 -32.29 19.37
CA THR F 126 2.25 -32.78 18.10
C THR F 126 1.31 -32.45 16.95
N VAL F 127 0.00 -32.65 17.14
CA VAL F 127 -0.96 -32.27 16.10
C VAL F 127 -0.90 -30.77 15.84
N GLY F 128 -0.86 -29.98 16.91
CA GLY F 128 -0.79 -28.54 16.76
C GLY F 128 0.46 -28.09 16.01
N TYR F 129 1.61 -28.70 16.31
CA TYR F 129 2.84 -28.31 15.65
C TYR F 129 2.85 -28.75 14.18
N ALA F 130 2.25 -29.90 13.87
CA ALA F 130 2.15 -30.30 12.48
C ALA F 130 1.31 -29.30 11.68
N LEU F 131 0.14 -28.94 12.22
CA LEU F 131 -0.71 -27.96 11.54
C LEU F 131 0.01 -26.61 11.40
N SER F 132 0.70 -26.19 12.46
CA SER F 132 1.42 -24.92 12.42
C SER F 132 2.51 -24.95 11.36
N PHE F 133 3.28 -26.04 11.29
CA PHE F 133 4.35 -26.15 10.31
C PHE F 133 3.80 -26.05 8.89
N SER F 134 2.74 -26.80 8.60
CA SER F 134 2.18 -26.77 7.25
C SER F 134 1.64 -25.39 6.91
N ALA F 135 0.79 -24.83 7.79
CA ALA F 135 0.20 -23.53 7.51
C ALA F 135 1.27 -22.47 7.38
N LEU F 136 2.36 -22.59 8.12
CA LEU F 136 3.37 -21.53 8.13
C LEU F 136 4.32 -21.63 6.94
N VAL F 137 4.64 -22.85 6.48
CA VAL F 137 5.40 -22.91 5.23
C VAL F 137 4.56 -22.38 4.08
N ILE F 138 3.26 -22.70 4.07
CA ILE F 138 2.39 -22.16 3.02
C ILE F 138 2.32 -20.64 3.12
N ALA F 139 2.20 -20.10 4.34
CA ALA F 139 2.10 -18.66 4.52
C ALA F 139 3.39 -17.94 4.13
N SER F 140 4.54 -18.51 4.48
CA SER F 140 5.81 -17.90 4.08
C SER F 140 5.95 -17.92 2.56
N ALA F 141 5.54 -19.02 1.92
CA ALA F 141 5.58 -19.06 0.45
C ALA F 141 4.68 -17.98 -0.14
N ILE F 142 3.49 -17.80 0.42
CA ILE F 142 2.57 -16.79 -0.09
C ILE F 142 3.15 -15.39 0.08
N LEU F 143 3.70 -15.11 1.25
CA LEU F 143 4.25 -13.77 1.51
C LEU F 143 5.50 -13.50 0.68
N LEU F 144 6.27 -14.53 0.35
CA LEU F 144 7.50 -14.32 -0.41
C LEU F 144 7.24 -14.26 -1.91
N GLY F 145 6.27 -15.02 -2.41
CA GLY F 145 6.02 -15.03 -3.84
C GLY F 145 5.50 -13.71 -4.37
N PHE F 146 4.62 -13.05 -3.62
CA PHE F 146 4.03 -11.79 -4.05
C PHE F 146 5.01 -10.66 -3.74
N ARG F 147 5.59 -10.06 -4.79
CA ARG F 147 6.58 -9.02 -4.58
C ARG F 147 5.96 -7.71 -4.11
N HIS F 148 4.63 -7.56 -4.22
CA HIS F 148 3.98 -6.39 -3.66
C HIS F 148 3.99 -6.41 -2.13
N LEU F 149 4.05 -7.59 -1.54
CA LEU F 149 4.05 -7.74 -0.09
C LEU F 149 5.49 -7.85 0.41
N HIS F 150 6.22 -6.74 0.28
CA HIS F 150 7.62 -6.68 0.70
C HIS F 150 7.87 -5.48 1.59
N CYS F 151 6.90 -5.11 2.42
CA CYS F 151 7.08 -4.04 3.38
C CYS F 151 8.06 -4.45 4.47
N THR F 152 8.47 -3.48 5.28
CA THR F 152 9.25 -3.80 6.47
C THR F 152 8.40 -4.55 7.49
N ARG F 153 7.09 -4.31 7.49
CA ARG F 153 6.19 -5.08 8.33
C ARG F 153 6.16 -6.55 7.91
N ASN F 154 6.15 -6.81 6.61
CA ASN F 154 6.09 -8.18 6.11
C ASN F 154 7.45 -8.87 6.12
N TYR F 155 8.53 -8.14 6.44
CA TYR F 155 9.82 -8.77 6.66
C TYR F 155 9.95 -9.31 8.08
N ILE F 156 9.39 -8.57 9.05
CA ILE F 156 9.38 -9.06 10.43
C ILE F 156 8.40 -10.23 10.58
N HIS F 157 7.31 -10.22 9.81
CA HIS F 157 6.37 -11.33 9.84
C HIS F 157 7.03 -12.61 9.32
N LEU F 158 7.85 -12.50 8.28
CA LEU F 158 8.53 -13.67 7.73
C LEU F 158 9.48 -14.29 8.74
N ASN F 159 10.20 -13.45 9.50
CA ASN F 159 11.10 -13.98 10.51
C ASN F 159 10.35 -14.64 11.65
N LEU F 160 9.16 -14.14 11.99
CA LEU F 160 8.32 -14.82 12.97
C LEU F 160 7.93 -16.21 12.48
N PHE F 161 7.54 -16.30 11.21
CA PHE F 161 7.19 -17.61 10.64
C PHE F 161 8.39 -18.54 10.64
N ALA F 162 9.57 -18.02 10.31
CA ALA F 162 10.77 -18.85 10.35
C ALA F 162 11.08 -19.33 11.76
N SER F 163 10.90 -18.46 12.76
CA SER F 163 11.13 -18.87 14.14
C SER F 163 10.14 -19.95 14.57
N PHE F 164 8.88 -19.81 14.18
CA PHE F 164 7.89 -20.84 14.50
C PHE F 164 8.24 -22.16 13.83
N ILE F 165 8.68 -22.11 12.57
CA ILE F 165 9.05 -23.33 11.85
C ILE F 165 10.26 -23.99 12.51
N LEU F 166 11.24 -23.18 12.92
CA LEU F 166 12.40 -23.73 13.62
C LEU F 166 12.00 -24.37 14.94
N ARG F 167 11.06 -23.75 15.66
CA ARG F 167 10.57 -24.32 16.90
C ARG F 167 9.90 -25.66 16.65
N ALA F 168 9.07 -25.75 15.60
CA ALA F 168 8.40 -27.01 15.30
C ALA F 168 9.41 -28.09 14.94
N LEU F 169 10.40 -27.76 14.12
CA LEU F 169 11.42 -28.74 13.75
C LEU F 169 12.21 -29.19 14.97
N SER F 170 12.59 -28.26 15.85
CA SER F 170 13.34 -28.63 17.05
C SER F 170 12.50 -29.51 17.97
N VAL F 171 11.20 -29.21 18.09
CA VAL F 171 10.33 -30.02 18.93
C VAL F 171 10.22 -31.45 18.38
N PHE F 172 10.04 -31.58 17.06
CA PHE F 172 9.95 -32.91 16.47
C PHE F 172 11.25 -33.69 16.66
N ILE F 173 12.39 -33.02 16.46
CA ILE F 173 13.67 -33.69 16.61
C ILE F 173 13.91 -34.10 18.06
N LYS F 174 13.51 -33.25 19.01
CA LYS F 174 13.63 -33.60 20.42
C LYS F 174 12.76 -34.79 20.79
N ASP F 175 11.52 -34.84 20.27
CA ASP F 175 10.67 -35.99 20.54
C ASP F 175 11.27 -37.27 19.99
N ALA F 176 11.80 -37.22 18.76
CA ALA F 176 12.44 -38.39 18.18
C ALA F 176 13.66 -38.81 18.99
N ALA F 177 14.46 -37.84 19.44
CA ALA F 177 15.64 -38.15 20.24
C ALA F 177 15.27 -38.80 21.55
N LEU F 178 14.23 -38.28 22.22
CA LEU F 178 13.78 -38.89 23.47
C LEU F 178 13.32 -40.32 23.24
N LYS F 179 12.50 -40.54 22.20
CA LYS F 179 11.98 -41.88 21.94
C LYS F 179 13.10 -42.86 21.64
N TRP F 180 14.11 -42.43 20.87
CA TRP F 180 15.23 -43.33 20.57
C TRP F 180 16.08 -43.58 21.81
N MET F 181 16.44 -42.52 22.53
CA MET F 181 17.36 -42.67 23.66
C MET F 181 16.73 -43.44 24.81
N TYR F 182 15.40 -43.51 24.88
CA TYR F 182 14.74 -44.33 25.90
C TYR F 182 14.08 -45.56 25.31
N SER F 183 14.69 -46.16 24.29
CA SER F 183 14.23 -47.42 23.74
C SER F 183 14.91 -48.60 24.43
N THR F 184 14.43 -49.80 24.12
CA THR F 184 14.96 -51.00 24.77
C THR F 184 16.40 -51.28 24.35
N ALA F 185 16.72 -51.05 23.07
CA ALA F 185 18.08 -51.33 22.59
C ALA F 185 19.11 -50.44 23.28
N ALA F 186 18.85 -49.14 23.28
CA ALA F 186 19.77 -48.21 23.95
C ALA F 186 19.82 -48.49 25.45
N GLN F 187 18.67 -48.85 26.04
CA GLN F 187 18.65 -49.19 27.46
C GLN F 187 19.55 -50.38 27.76
N GLN F 188 19.47 -51.43 26.94
CA GLN F 188 20.33 -52.59 27.15
C GLN F 188 21.80 -52.25 26.91
N HIS F 189 22.08 -51.42 25.90
CA HIS F 189 23.45 -51.00 25.64
C HIS F 189 24.04 -50.26 26.84
N GLN F 190 23.26 -49.37 27.44
CA GLN F 190 23.72 -48.72 28.67
C GLN F 190 23.77 -49.68 29.84
N TRP F 191 22.93 -50.73 29.81
CA TRP F 191 22.95 -51.71 30.88
C TRP F 191 24.27 -52.46 30.93
N ASP F 192 24.69 -53.04 29.81
CA ASP F 192 25.80 -53.99 29.87
C ASP F 192 27.17 -53.29 29.87
N GLY F 193 27.54 -52.67 28.74
CA GLY F 193 28.85 -52.07 28.66
C GLY F 193 29.03 -50.86 27.76
N LEU F 194 27.95 -50.34 27.19
CA LEU F 194 28.07 -49.39 26.09
C LEU F 194 27.55 -48.01 26.48
N LEU F 195 28.11 -47.00 25.83
CA LEU F 195 27.69 -45.61 25.98
C LEU F 195 26.81 -45.26 24.78
N SER F 196 25.51 -45.14 25.02
CA SER F 196 24.52 -44.99 23.96
C SER F 196 24.35 -43.51 23.62
N TYR F 197 23.26 -43.18 22.92
CA TYR F 197 22.94 -41.81 22.55
C TYR F 197 23.10 -40.85 23.73
N GLN F 198 22.74 -41.32 24.93
CA GLN F 198 22.73 -40.45 26.11
C GLN F 198 24.11 -39.87 26.41
N ASP F 199 25.18 -40.55 26.00
CA ASP F 199 26.54 -40.10 26.27
C ASP F 199 27.22 -39.52 25.04
N SER F 200 26.48 -39.19 23.99
CA SER F 200 27.04 -38.57 22.80
C SER F 200 26.70 -37.08 22.77
N LEU F 201 27.53 -36.32 22.04
CA LEU F 201 27.34 -34.87 22.00
C LEU F 201 26.15 -34.46 21.15
N SER F 202 25.65 -35.35 20.28
CA SER F 202 24.48 -35.02 19.47
C SER F 202 23.26 -34.78 20.36
N CYS F 203 23.15 -35.54 21.45
CA CYS F 203 22.07 -35.32 22.41
C CYS F 203 22.08 -33.90 22.96
N ARG F 204 23.25 -33.47 23.43
CA ARG F 204 23.38 -32.14 24.01
C ARG F 204 23.16 -31.05 22.96
N LEU F 205 23.65 -31.28 21.73
CA LEU F 205 23.42 -30.30 20.68
C LEU F 205 21.94 -30.17 20.34
N VAL F 206 21.22 -31.30 20.29
CA VAL F 206 19.79 -31.27 19.99
C VAL F 206 19.03 -30.54 21.09
N PHE F 207 19.35 -30.83 22.34
CA PHE F 207 18.64 -30.19 23.44
C PHE F 207 19.12 -28.77 23.73
N LEU F 208 20.20 -28.33 23.07
CA LEU F 208 20.53 -26.91 23.06
C LEU F 208 19.81 -26.19 21.93
N LEU F 209 19.69 -26.85 20.77
CA LEU F 209 18.96 -26.26 19.66
C LEU F 209 17.50 -26.06 20.00
N MET F 210 16.91 -27.01 20.74
CA MET F 210 15.53 -26.84 21.19
C MET F 210 15.35 -25.55 21.98
N GLN F 211 16.22 -25.33 22.96
CA GLN F 211 16.09 -24.14 23.81
C GLN F 211 16.36 -22.88 23.03
N TYR F 212 17.34 -22.90 22.12
CA TYR F 212 17.60 -21.72 21.31
C TYR F 212 16.40 -21.38 20.43
N CYS F 213 15.78 -22.40 19.81
CA CYS F 213 14.61 -22.14 18.97
C CYS F 213 13.45 -21.62 19.80
N VAL F 214 13.23 -22.16 20.99
CA VAL F 214 12.16 -21.69 21.86
C VAL F 214 12.40 -20.23 22.23
N ALA F 215 13.65 -19.90 22.62
CA ALA F 215 13.96 -18.53 23.01
C ALA F 215 13.80 -17.57 21.83
N ALA F 216 14.21 -17.99 20.63
CA ALA F 216 14.05 -17.14 19.46
C ALA F 216 12.58 -16.94 19.12
N ASN F 217 11.74 -17.96 19.37
CA ASN F 217 10.32 -17.78 19.19
C ASN F 217 9.75 -16.79 20.19
N TYR F 218 10.21 -16.86 21.45
CA TYR F 218 9.71 -15.94 22.46
C TYR F 218 10.19 -14.52 22.21
N TYR F 219 11.35 -14.34 21.59
CA TYR F 219 11.91 -13.02 21.35
C TYR F 219 11.58 -12.47 19.98
N TRP F 220 10.80 -13.19 19.17
CA TRP F 220 10.31 -12.63 17.91
C TRP F 220 8.86 -12.19 17.98
N LEU F 221 8.13 -12.61 19.01
CA LEU F 221 6.88 -11.94 19.33
C LEU F 221 7.14 -10.62 20.02
N LEU F 222 8.21 -10.54 20.81
CA LEU F 222 8.60 -9.28 21.43
C LEU F 222 9.02 -8.26 20.39
N VAL F 223 9.72 -8.71 19.33
CA VAL F 223 10.13 -7.79 18.28
C VAL F 223 8.91 -7.21 17.56
N GLU F 224 7.91 -8.04 17.33
CA GLU F 224 6.70 -7.55 16.68
C GLU F 224 5.96 -6.54 17.54
N GLY F 225 5.87 -6.81 18.85
CA GLY F 225 5.26 -5.85 19.75
C GLY F 225 6.02 -4.53 19.80
N VAL F 226 7.35 -4.60 19.83
CA VAL F 226 8.16 -3.39 19.84
C VAL F 226 7.98 -2.61 18.55
N TYR F 227 7.94 -3.31 17.41
CA TYR F 227 7.74 -2.64 16.13
C TYR F 227 6.37 -1.98 16.06
N LEU F 228 5.33 -2.67 16.53
CA LEU F 228 3.99 -2.09 16.54
C LEU F 228 3.93 -0.87 17.44
N TYR F 229 4.57 -0.94 18.62
CA TYR F 229 4.60 0.21 19.52
C TYR F 229 5.31 1.39 18.88
N THR F 230 6.45 1.14 18.22
CA THR F 230 7.16 2.25 17.57
C THR F 230 6.37 2.80 16.39
N LEU F 231 5.57 1.96 15.73
CA LEU F 231 4.69 2.47 14.68
C LEU F 231 3.63 3.38 15.26
N LEU F 232 2.97 2.96 16.34
CA LEU F 232 1.95 3.78 16.96
C LEU F 232 2.55 4.98 17.68
N ALA F 233 3.62 4.74 18.44
CA ALA F 233 4.36 5.81 19.10
C ALA F 233 5.30 6.48 18.09
N PHE F 234 6.27 7.24 18.58
CA PHE F 234 7.25 7.94 17.76
C PHE F 234 7.70 7.09 16.58
N SER F 235 7.48 7.62 15.37
CA SER F 235 7.56 6.83 14.15
C SER F 235 8.77 7.14 13.28
N VAL F 236 9.12 8.43 13.12
CA VAL F 236 10.18 8.80 12.20
C VAL F 236 11.48 8.12 12.61
N LEU F 237 11.98 7.26 11.73
CA LEU F 237 13.17 6.46 12.03
C LEU F 237 13.76 5.97 10.71
N SER F 238 14.99 5.46 10.79
CA SER F 238 15.66 4.87 9.63
C SER F 238 15.21 3.43 9.49
N GLU F 239 14.56 3.12 8.37
CA GLU F 239 13.98 1.79 8.18
C GLU F 239 15.05 0.71 8.13
N GLN F 240 16.14 0.95 7.39
CA GLN F 240 17.16 -0.08 7.21
C GLN F 240 17.88 -0.38 8.52
N TRP F 241 18.34 0.66 9.21
CA TRP F 241 19.07 0.46 10.46
C TRP F 241 18.18 -0.19 11.52
N ILE F 242 16.92 0.23 11.60
CA ILE F 242 16.02 -0.34 12.60
C ILE F 242 15.71 -1.79 12.27
N PHE F 243 15.55 -2.12 10.98
CA PHE F 243 15.31 -3.52 10.64
C PHE F 243 16.53 -4.38 10.94
N ARG F 244 17.73 -3.85 10.70
CA ARG F 244 18.94 -4.60 11.07
C ARG F 244 19.02 -4.79 12.58
N LEU F 245 18.63 -3.75 13.33
CA LEU F 245 18.60 -3.86 14.79
C LEU F 245 17.61 -4.92 15.25
N TYR F 246 16.44 -4.98 14.61
CA TYR F 246 15.43 -5.96 14.98
C TYR F 246 15.88 -7.37 14.61
N VAL F 247 16.56 -7.52 13.48
CA VAL F 247 17.10 -8.83 13.10
C VAL F 247 18.14 -9.28 14.10
N SER F 248 19.02 -8.36 14.52
CA SER F 248 20.04 -8.71 15.52
C SER F 248 19.44 -8.94 16.90
N ILE F 249 18.30 -8.32 17.21
CA ILE F 249 17.68 -8.49 18.53
C ILE F 249 16.71 -9.66 18.56
N GLY F 250 16.36 -10.24 17.41
CA GLY F 250 15.50 -11.41 17.39
C GLY F 250 16.26 -12.71 17.34
N TRP F 251 17.23 -12.80 16.43
CA TRP F 251 18.03 -14.00 16.25
C TRP F 251 19.34 -13.98 17.04
N GLY F 252 19.69 -12.87 17.68
CA GLY F 252 20.98 -12.76 18.33
C GLY F 252 20.92 -12.62 19.84
N VAL F 253 19.89 -11.94 20.34
CA VAL F 253 19.74 -11.79 21.79
C VAL F 253 19.51 -13.13 22.49
N PRO F 254 18.68 -14.04 21.99
CA PRO F 254 18.53 -15.34 22.68
C PRO F 254 19.83 -16.10 22.83
N LEU F 255 20.81 -15.87 21.96
CA LEU F 255 22.11 -16.52 22.12
C LEU F 255 22.76 -16.13 23.44
N LEU F 256 22.63 -14.86 23.84
CA LEU F 256 23.32 -14.36 25.02
C LEU F 256 22.86 -15.01 26.32
N PHE F 257 21.74 -15.73 26.32
CA PHE F 257 21.35 -16.51 27.49
C PHE F 257 21.13 -17.98 27.17
N VAL F 258 21.26 -18.40 25.92
CA VAL F 258 21.23 -19.82 25.60
C VAL F 258 22.64 -20.42 25.59
N VAL F 259 23.60 -19.74 24.98
CA VAL F 259 24.99 -20.22 25.01
C VAL F 259 25.54 -20.27 26.44
N PRO F 260 25.36 -19.25 27.28
CA PRO F 260 25.76 -19.42 28.69
C PRO F 260 25.07 -20.58 29.39
N TRP F 261 23.82 -20.88 29.03
CA TRP F 261 23.16 -22.05 29.58
C TRP F 261 23.89 -23.33 29.18
N GLY F 262 24.29 -23.43 27.92
CA GLY F 262 25.04 -24.60 27.49
C GLY F 262 26.40 -24.69 28.14
N ILE F 263 27.04 -23.55 28.39
CA ILE F 263 28.35 -23.54 29.03
C ILE F 263 28.22 -23.94 30.50
N VAL F 264 27.19 -23.47 31.19
CA VAL F 264 27.02 -23.75 32.61
C VAL F 264 26.41 -25.13 32.86
N LYS F 265 25.75 -25.72 31.87
CA LYS F 265 25.23 -27.07 32.00
C LYS F 265 26.18 -28.11 31.42
N TYR F 266 27.35 -27.68 30.95
CA TYR F 266 28.44 -28.59 30.62
C TYR F 266 29.47 -28.68 31.72
N LEU F 267 29.46 -27.75 32.67
CA LEU F 267 30.46 -27.68 33.73
C LEU F 267 29.93 -28.27 35.04
N TYR F 268 28.81 -27.74 35.54
CA TYR F 268 28.33 -28.10 36.87
C TYR F 268 27.27 -29.20 36.87
N GLU F 269 26.42 -29.25 35.84
CA GLU F 269 25.30 -30.21 35.83
C GLU F 269 25.25 -30.84 34.44
N ASP F 270 25.95 -31.95 34.26
CA ASP F 270 25.97 -32.63 32.98
C ASP F 270 24.87 -33.69 32.88
N GLU F 271 24.59 -34.39 33.99
CA GLU F 271 23.62 -35.49 34.06
C GLU F 271 23.55 -36.30 32.77
N GLY F 272 22.40 -36.26 32.10
CA GLY F 272 22.26 -36.94 30.83
C GLY F 272 21.50 -36.14 29.80
N CYS F 273 22.14 -35.87 28.65
CA CYS F 273 21.51 -35.25 27.48
C CYS F 273 21.01 -33.83 27.74
N TRP F 274 21.33 -33.25 28.89
CA TRP F 274 20.87 -31.90 29.25
C TRP F 274 19.35 -31.79 29.22
N THR F 275 18.66 -32.89 29.50
CA THR F 275 17.21 -32.94 29.36
C THR F 275 16.46 -32.71 30.67
N ARG F 276 17.12 -32.92 31.81
CA ARG F 276 16.49 -32.76 33.11
C ARG F 276 16.91 -31.46 33.76
N ASN F 277 16.07 -30.99 34.67
CA ASN F 277 16.22 -29.67 35.32
C ASN F 277 16.22 -29.82 36.83
N SER F 278 17.02 -30.77 37.34
CA SER F 278 17.06 -31.02 38.78
C SER F 278 17.45 -29.77 39.56
N ASN F 279 18.26 -28.90 38.97
CA ASN F 279 18.68 -27.65 39.61
C ASN F 279 17.84 -26.51 39.04
N MET F 280 17.19 -25.75 39.93
CA MET F 280 16.33 -24.64 39.53
C MET F 280 17.07 -23.33 39.41
N ASN F 281 18.40 -23.33 39.53
CA ASN F 281 19.19 -22.11 39.37
C ASN F 281 19.76 -21.96 37.98
N TYR F 282 20.21 -23.06 37.36
CA TYR F 282 20.67 -23.01 35.98
C TYR F 282 19.52 -22.92 34.99
N TRP F 283 18.32 -23.35 35.38
CA TRP F 283 17.15 -23.24 34.52
C TRP F 283 16.62 -21.82 34.43
N LEU F 284 16.97 -20.97 35.40
CA LEU F 284 16.54 -19.57 35.36
C LEU F 284 17.22 -18.77 34.26
N ILE F 285 18.27 -19.32 33.64
CA ILE F 285 18.96 -18.59 32.57
C ILE F 285 18.10 -18.47 31.32
N ILE F 286 17.13 -19.37 31.13
CA ILE F 286 16.22 -19.29 30.01
C ILE F 286 14.80 -18.95 30.43
N ARG F 287 14.51 -18.98 31.73
CA ARG F 287 13.17 -18.62 32.19
C ARG F 287 13.04 -17.13 32.47
N LEU F 288 14.02 -16.53 33.14
CA LEU F 288 13.94 -15.10 33.44
C LEU F 288 13.93 -14.24 32.18
N PRO F 289 14.83 -14.42 31.20
CA PRO F 289 14.71 -13.61 29.97
C PRO F 289 13.40 -13.86 29.23
N ILE F 290 12.92 -15.10 29.22
CA ILE F 290 11.65 -15.40 28.55
C ILE F 290 10.49 -14.75 29.29
N LEU F 291 10.56 -14.74 30.64
CA LEU F 291 9.53 -14.04 31.40
C LEU F 291 9.57 -12.54 31.13
N PHE F 292 10.78 -11.99 30.96
CA PHE F 292 10.89 -10.57 30.61
C PHE F 292 10.25 -10.29 29.26
N ALA F 293 10.54 -11.13 28.27
CA ALA F 293 9.97 -10.93 26.94
C ALA F 293 8.46 -11.14 26.95
N ILE F 294 7.95 -12.00 27.83
CA ILE F 294 6.51 -12.17 27.94
C ILE F 294 5.87 -10.96 28.60
N GLY F 295 6.47 -10.46 29.69
CA GLY F 295 5.90 -9.34 30.40
C GLY F 295 5.92 -8.05 29.59
N VAL F 296 6.98 -7.85 28.81
CA VAL F 296 7.06 -6.65 27.98
C VAL F 296 5.94 -6.65 26.94
N ASN F 297 5.68 -7.81 26.33
CA ASN F 297 4.62 -7.90 25.33
C ASN F 297 3.24 -7.67 25.93
N PHE F 298 3.08 -7.86 27.24
CA PHE F 298 1.79 -7.57 27.87
C PHE F 298 1.55 -6.06 27.97
N LEU F 299 2.59 -5.31 28.32
CA LEU F 299 2.47 -3.86 28.39
C LEU F 299 2.16 -3.27 27.02
N ILE F 300 2.85 -3.75 25.98
CA ILE F 300 2.60 -3.26 24.64
C ILE F 300 1.19 -3.63 24.18
N PHE F 301 0.74 -4.84 24.51
CA PHE F 301 -0.62 -5.24 24.18
C PHE F 301 -1.64 -4.34 24.87
N VAL F 302 -1.43 -4.03 26.14
CA VAL F 302 -2.35 -3.15 26.87
C VAL F 302 -2.35 -1.76 26.24
N ARG F 303 -1.17 -1.24 25.89
CA ARG F 303 -1.11 0.10 25.30
C ARG F 303 -1.80 0.14 23.94
N VAL F 304 -1.61 -0.89 23.11
CA VAL F 304 -2.25 -0.91 21.81
C VAL F 304 -3.77 -1.04 21.96
N ILE F 305 -4.22 -1.82 22.94
CA ILE F 305 -5.66 -1.93 23.17
C ILE F 305 -6.23 -0.60 23.65
N CYS F 306 -5.48 0.12 24.50
CA CYS F 306 -5.92 1.44 24.94
C CYS F 306 -6.03 2.40 23.77
N ILE F 307 -5.04 2.37 22.86
CA ILE F 307 -5.07 3.24 21.70
C ILE F 307 -6.26 2.89 20.81
N VAL F 308 -6.53 1.60 20.61
CA VAL F 308 -7.66 1.18 19.79
C VAL F 308 -8.98 1.63 20.43
N VAL F 309 -9.08 1.52 21.75
CA VAL F 309 -10.29 1.97 22.45
C VAL F 309 -10.47 3.47 22.28
N SER F 310 -9.39 4.23 22.39
CA SER F 310 -9.48 5.68 22.20
C SER F 310 -9.92 6.03 20.79
N LYS F 311 -9.39 5.33 19.78
CA LYS F 311 -9.78 5.59 18.40
C LYS F 311 -11.24 5.24 18.15
N LEU F 312 -11.71 4.12 18.73
CA LEU F 312 -13.12 3.76 18.58
C LEU F 312 -14.04 4.72 19.29
N LYS F 313 -13.63 5.24 20.44
CA LYS F 313 -14.48 6.15 21.21
C LYS F 313 -14.50 7.55 20.60
N ALA F 314 -13.39 7.99 20.01
CA ALA F 314 -13.35 9.33 19.42
C ALA F 314 -14.35 9.48 18.28
N ASN F 315 -14.47 8.46 17.44
CA ASN F 315 -15.39 8.51 16.31
C ASN F 315 -16.85 8.55 16.79
N ASP F 321 -20.74 -2.34 17.37
CA ASP F 321 -20.33 -1.04 17.89
C ASP F 321 -18.92 -1.10 18.45
N ILE F 322 -18.71 -0.43 19.59
CA ILE F 322 -17.39 -0.43 20.22
C ILE F 322 -17.06 -1.79 20.80
N LYS F 323 -18.05 -2.47 21.40
CA LYS F 323 -17.78 -3.72 22.09
C LYS F 323 -17.30 -4.80 21.12
N CYS F 324 -18.01 -5.00 20.02
CA CYS F 324 -17.64 -6.06 19.08
C CYS F 324 -16.30 -5.77 18.42
N ARG F 325 -16.06 -4.52 18.02
CA ARG F 325 -14.80 -4.18 17.38
C ARG F 325 -13.63 -4.34 18.36
N LEU F 326 -13.81 -3.93 19.60
CA LEU F 326 -12.76 -4.10 20.60
C LEU F 326 -12.50 -5.58 20.88
N ALA F 327 -13.56 -6.39 20.95
CA ALA F 327 -13.37 -7.82 21.15
C ALA F 327 -12.60 -8.44 19.99
N LYS F 328 -12.94 -8.07 18.76
CA LYS F 328 -12.23 -8.60 17.60
C LYS F 328 -10.77 -8.14 17.62
N SER F 329 -10.51 -6.89 18.00
CA SER F 329 -9.14 -6.40 18.06
C SER F 329 -8.32 -7.16 19.09
N THR F 330 -8.90 -7.39 20.28
CA THR F 330 -8.18 -8.16 21.29
C THR F 330 -7.94 -9.58 20.84
N LEU F 331 -8.93 -10.21 20.20
CA LEU F 331 -8.80 -11.59 19.78
C LEU F 331 -7.86 -11.76 18.59
N THR F 332 -7.63 -10.71 17.79
CA THR F 332 -6.63 -10.79 16.75
C THR F 332 -5.26 -10.30 17.19
N LEU F 333 -5.18 -9.62 18.35
CA LEU F 333 -3.89 -9.26 18.92
C LEU F 333 -3.33 -10.36 19.82
N ILE F 334 -4.20 -11.21 20.38
CA ILE F 334 -3.72 -12.29 21.24
C ILE F 334 -2.78 -13.25 20.51
N PRO F 335 -3.06 -13.71 19.28
CA PRO F 335 -2.12 -14.62 18.61
C PRO F 335 -0.79 -13.96 18.26
N LEU F 336 -0.82 -12.75 17.71
CA LEU F 336 0.39 -12.10 17.25
C LEU F 336 1.35 -11.84 18.40
N LEU F 337 0.94 -11.02 19.35
CA LEU F 337 1.72 -10.80 20.56
C LEU F 337 1.41 -11.93 21.54
N GLY F 338 2.43 -12.66 21.97
CA GLY F 338 2.20 -13.84 22.78
C GLY F 338 1.71 -13.50 24.17
N THR F 339 0.50 -12.96 24.26
CA THR F 339 -0.09 -12.53 25.53
C THR F 339 -1.13 -13.51 26.06
N HIS F 340 -1.22 -14.70 25.49
CA HIS F 340 -2.01 -15.76 26.10
C HIS F 340 -1.25 -16.49 27.19
N GLU F 341 0.07 -16.30 27.24
CA GLU F 341 0.90 -16.91 28.27
C GLU F 341 1.04 -16.06 29.53
N VAL F 342 0.56 -14.81 29.49
CA VAL F 342 0.70 -13.91 30.63
C VAL F 342 -0.05 -14.44 31.84
N ILE F 343 -1.09 -15.23 31.63
CA ILE F 343 -1.90 -15.75 32.73
C ILE F 343 -1.04 -16.60 33.66
N PHE F 344 -0.45 -17.67 33.13
CA PHE F 344 0.30 -18.64 33.94
C PHE F 344 1.75 -18.21 34.18
N ALA F 345 2.46 -17.85 33.11
CA ALA F 345 3.92 -17.81 33.08
C ALA F 345 4.58 -17.47 34.41
N PHE F 346 4.12 -16.41 35.08
CA PHE F 346 4.69 -16.09 36.38
C PHE F 346 4.33 -17.10 37.48
N VAL F 347 3.48 -18.09 37.20
CA VAL F 347 3.33 -19.22 38.12
C VAL F 347 4.57 -20.10 37.97
N MET F 348 5.51 -19.97 38.90
CA MET F 348 6.81 -20.58 38.73
C MET F 348 6.75 -22.10 38.84
N ASP F 349 7.79 -22.75 38.30
CA ASP F 349 7.88 -24.21 38.35
C ASP F 349 8.19 -24.73 39.75
N GLU F 350 8.77 -23.89 40.61
CA GLU F 350 9.11 -24.31 41.97
C GLU F 350 7.86 -24.48 42.84
N HIS F 351 6.86 -23.62 42.65
CA HIS F 351 5.65 -23.66 43.46
C HIS F 351 4.53 -24.49 42.84
N ALA F 352 4.46 -24.55 41.51
CA ALA F 352 3.39 -25.28 40.84
C ALA F 352 3.60 -26.78 41.01
N ARG F 353 2.62 -27.44 41.63
CA ARG F 353 2.63 -28.89 41.81
C ARG F 353 1.20 -29.41 41.78
N GLY F 354 1.01 -30.58 41.18
CA GLY F 354 -0.29 -31.20 41.14
C GLY F 354 -1.13 -30.82 39.94
N THR F 355 -2.44 -30.61 40.17
CA THR F 355 -3.34 -30.24 39.09
C THR F 355 -2.95 -28.90 38.47
N LEU F 356 -2.37 -28.00 39.26
CA LEU F 356 -1.89 -26.73 38.72
C LEU F 356 -0.82 -26.96 37.67
N ARG F 357 0.07 -27.93 37.90
CA ARG F 357 1.08 -28.26 36.90
C ARG F 357 0.44 -28.70 35.60
N PHE F 358 -0.54 -29.60 35.67
CA PHE F 358 -1.18 -30.07 34.45
C PHE F 358 -1.91 -28.95 33.74
N ILE F 359 -2.60 -28.08 34.48
CA ILE F 359 -3.33 -26.98 33.85
C ILE F 359 -2.38 -26.03 33.14
N LYS F 360 -1.30 -25.65 33.82
CA LYS F 360 -0.33 -24.74 33.23
C LYS F 360 0.35 -25.36 32.02
N LEU F 361 0.76 -26.63 32.13
CA LEU F 361 1.40 -27.32 31.01
C LEU F 361 0.46 -27.43 29.83
N PHE F 362 -0.81 -27.79 30.08
CA PHE F 362 -1.77 -27.92 29.00
C PHE F 362 -1.96 -26.58 28.30
N THR F 363 -2.18 -25.51 29.07
CA THR F 363 -2.36 -24.20 28.46
C THR F 363 -1.16 -23.83 27.60
N GLU F 364 0.04 -23.90 28.18
CA GLU F 364 1.23 -23.49 27.45
C GLU F 364 1.41 -24.33 26.19
N LEU F 365 1.44 -25.65 26.33
CA LEU F 365 1.74 -26.51 25.19
C LEU F 365 0.70 -26.37 24.11
N SER F 366 -0.58 -26.53 24.45
CA SER F 366 -1.62 -26.50 23.43
C SER F 366 -1.69 -25.14 22.75
N PHE F 367 -1.69 -24.05 23.52
CA PHE F 367 -1.93 -22.75 22.94
C PHE F 367 -0.72 -22.27 22.13
N THR F 368 0.51 -22.43 22.64
CA THR F 368 1.65 -22.07 21.81
C THR F 368 1.89 -23.04 20.66
N SER F 369 1.32 -24.25 20.70
CA SER F 369 1.41 -25.12 19.52
C SER F 369 0.45 -24.65 18.43
N PHE F 370 -0.76 -24.25 18.80
CA PHE F 370 -1.72 -23.76 17.81
C PHE F 370 -1.54 -22.28 17.48
N GLN F 371 -0.65 -21.59 18.19
CA GLN F 371 -0.41 -20.18 17.92
C GLN F 371 0.15 -19.96 16.52
N GLY F 372 0.99 -20.88 16.05
CA GLY F 372 1.53 -20.74 14.71
C GLY F 372 0.44 -20.77 13.65
N LEU F 373 -0.47 -21.74 13.76
CA LEU F 373 -1.58 -21.84 12.83
C LEU F 373 -2.49 -20.61 12.93
N MET F 374 -2.78 -20.17 14.16
CA MET F 374 -3.64 -19.00 14.33
C MET F 374 -3.01 -17.75 13.72
N VAL F 375 -1.71 -17.56 13.92
CA VAL F 375 -1.02 -16.40 13.36
C VAL F 375 -1.02 -16.47 11.84
N ALA F 376 -0.75 -17.66 11.29
CA ALA F 376 -0.77 -17.81 9.83
C ALA F 376 -2.14 -17.48 9.26
N ILE F 377 -3.20 -17.96 9.91
CA ILE F 377 -4.55 -17.70 9.40
C ILE F 377 -4.89 -16.21 9.52
N LEU F 378 -4.57 -15.60 10.65
CA LEU F 378 -5.00 -14.22 10.90
C LEU F 378 -4.14 -13.17 10.21
N TYR F 379 -2.92 -13.52 9.78
CA TYR F 379 -2.01 -12.54 9.22
C TYR F 379 -1.46 -12.90 7.84
N CYS F 380 -1.80 -14.06 7.29
CA CYS F 380 -1.39 -14.36 5.92
C CYS F 380 -2.48 -15.00 5.07
N PHE F 381 -3.56 -15.52 5.64
CA PHE F 381 -4.63 -16.12 4.85
C PHE F 381 -5.91 -15.31 4.86
N VAL F 382 -6.14 -14.52 5.90
CA VAL F 382 -7.35 -13.71 6.01
C VAL F 382 -7.06 -12.23 5.74
N ASN F 383 -5.81 -11.79 5.88
CA ASN F 383 -5.46 -10.39 5.68
C ASN F 383 -5.94 -9.90 4.32
N ASN F 384 -6.55 -8.71 4.31
CA ASN F 384 -7.23 -8.24 3.11
C ASN F 384 -6.26 -7.99 1.96
N GLU F 385 -5.02 -7.59 2.26
CA GLU F 385 -4.05 -7.34 1.20
C GLU F 385 -3.69 -8.63 0.46
N VAL F 386 -3.56 -9.73 1.19
CA VAL F 386 -3.26 -11.02 0.55
C VAL F 386 -4.43 -11.46 -0.32
N GLN F 387 -5.65 -11.28 0.16
CA GLN F 387 -6.81 -11.62 -0.66
C GLN F 387 -6.88 -10.75 -1.90
N LEU F 388 -6.56 -9.46 -1.78
CA LEU F 388 -6.55 -8.59 -2.94
C LEU F 388 -5.49 -9.04 -3.95
N GLU F 389 -4.31 -9.43 -3.47
CA GLU F 389 -3.27 -9.91 -4.37
C GLU F 389 -3.72 -11.18 -5.09
N PHE F 390 -4.35 -12.11 -4.36
CA PHE F 390 -4.83 -13.33 -4.98
C PHE F 390 -5.90 -13.05 -6.02
N ARG F 391 -6.83 -12.14 -5.70
CA ARG F 391 -7.88 -11.79 -6.65
C ARG F 391 -7.30 -11.11 -7.89
N LYS F 392 -6.31 -10.24 -7.70
CA LYS F 392 -5.67 -9.61 -8.85
C LYS F 392 -4.97 -10.63 -9.72
N SER F 393 -4.27 -11.59 -9.10
CA SER F 393 -3.61 -12.63 -9.89
C SER F 393 -4.63 -13.48 -10.64
N TRP F 394 -5.75 -13.81 -9.99
CA TRP F 394 -6.78 -14.59 -10.67
C TRP F 394 -7.37 -13.83 -11.84
N GLU F 395 -7.66 -12.53 -11.66
CA GLU F 395 -8.20 -11.73 -12.75
C GLU F 395 -7.19 -11.61 -13.89
N ARG F 396 -5.92 -11.46 -13.57
CA ARG F 396 -4.89 -11.46 -14.61
C ARG F 396 -4.82 -12.81 -15.32
N TRP F 397 -5.18 -13.89 -14.61
CA TRP F 397 -5.23 -15.21 -15.23
C TRP F 397 -6.51 -15.45 -16.04
N ARG F 398 -7.48 -14.54 -15.95
CA ARG F 398 -8.68 -14.63 -16.78
C ARG F 398 -8.43 -14.15 -18.20
N LEU F 399 -7.29 -13.52 -18.47
CA LEU F 399 -6.91 -13.14 -19.82
C LEU F 399 -5.83 -14.06 -20.41
N GLU F 400 -5.00 -14.65 -19.56
CA GLU F 400 -3.96 -15.63 -19.93
C GLU F 400 -3.21 -15.26 -21.22
#